data_3GZG
#
_entry.id   3GZG
#
_cell.length_a   67.075
_cell.length_b   171.648
_cell.length_c   113.861
_cell.angle_alpha   90.00
_cell.angle_beta   90.00
_cell.angle_gamma   90.00
#
_symmetry.space_group_name_H-M   'C 2 2 21'
#
loop_
_entity.id
_entity.type
_entity.pdbx_description
1 polymer 'Molybdate-binding periplasmic protein; permease'
2 non-polymer 'SULFATE ION'
3 non-polymer 'MOLYBDATE ION'
4 water water
#
_entity_poly.entity_id   1
_entity_poly.type   'polypeptide(L)'
_entity_poly.pdbx_seq_one_letter_code
;MGSSHHHHHHSSGLVPRGSHMTAPVTVFAAASLKESMDEAATAYEKATGTPVRVSYAASSALARQIEQGAPADVFLSADL
EWMDYLQQHGLVLPAQRHNLLGNTLVLVAPASSKLRVDPRAPGAIAKALGENGRLAVGQTASVPAGSYAAAALRKLGQWD
SVSNRLAESESVRAALMLVSRGEAPLGIVYGSDARADAKVRVVATFPDDSHDAIVYPVAALKNSNNPATAAFVSWLGSKP
AKAIFARRGFSLK
;
_entity_poly.pdbx_strand_id   A,B,C
#
loop_
_chem_comp.id
_chem_comp.type
_chem_comp.name
_chem_comp.formula
MOO non-polymer 'MOLYBDATE ION' 'Mo O4 -2'
SO4 non-polymer 'SULFATE ION' 'O4 S -2'
#
# COMPACT_ATOMS: atom_id res chain seq x y z
N THR A 22 -26.87 29.14 -19.97
CA THR A 22 -27.78 28.57 -18.94
C THR A 22 -27.18 27.31 -18.32
N ALA A 23 -27.02 27.32 -17.00
CA ALA A 23 -26.50 26.17 -16.27
C ALA A 23 -27.45 25.00 -16.46
N PRO A 24 -26.92 23.85 -16.93
CA PRO A 24 -27.83 22.76 -17.18
C PRO A 24 -28.36 22.19 -15.89
N VAL A 25 -29.53 21.59 -15.99
CA VAL A 25 -30.10 20.90 -14.86
C VAL A 25 -29.34 19.59 -14.80
N THR A 26 -28.77 19.31 -13.65
CA THR A 26 -27.95 18.12 -13.47
C THR A 26 -28.84 17.04 -12.90
N VAL A 27 -29.07 16.01 -13.71
CA VAL A 27 -29.96 14.93 -13.33
C VAL A 27 -29.14 13.68 -13.09
N PHE A 28 -29.31 13.08 -11.93
CA PHE A 28 -28.71 11.79 -11.65
C PHE A 28 -29.81 10.76 -11.78
N ALA A 29 -29.68 9.87 -12.74
CA ALA A 29 -30.78 8.95 -13.05
C ALA A 29 -30.34 7.52 -12.98
N ALA A 30 -31.19 6.68 -12.39
CA ALA A 30 -30.95 5.23 -12.40
C ALA A 30 -30.54 4.76 -13.77
N ALA A 31 -29.62 3.81 -13.78
CA ALA A 31 -29.08 3.30 -15.02
C ALA A 31 -30.14 2.89 -16.01
N SER A 32 -31.24 2.31 -15.52
CA SER A 32 -32.30 1.84 -16.41
C SER A 32 -33.02 2.96 -17.15
N LEU A 33 -32.73 4.20 -16.78
CA LEU A 33 -33.39 5.34 -17.40
C LEU A 33 -32.62 5.92 -18.56
N LYS A 34 -31.56 5.22 -18.98
CA LYS A 34 -30.62 5.76 -19.98
C LYS A 34 -31.29 6.35 -21.22
N GLU A 35 -32.02 5.55 -21.98
CA GLU A 35 -32.58 6.08 -23.24
C GLU A 35 -33.71 7.02 -23.01
N SER A 36 -34.56 6.70 -22.04
CA SER A 36 -35.72 7.55 -21.79
C SER A 36 -35.34 8.92 -21.24
N MET A 37 -34.45 8.97 -20.27
CA MET A 37 -34.02 10.23 -19.73
C MET A 37 -33.15 10.98 -20.72
N ASP A 38 -32.43 10.29 -21.60
CA ASP A 38 -31.69 11.00 -22.65
C ASP A 38 -32.67 11.71 -23.57
N GLU A 39 -33.73 11.01 -23.94
CA GLU A 39 -34.72 11.57 -24.84
C GLU A 39 -35.42 12.70 -24.12
N ALA A 40 -35.69 12.48 -22.83
CA ALA A 40 -36.39 13.50 -22.05
C ALA A 40 -35.54 14.78 -21.91
N ALA A 41 -34.25 14.60 -21.63
CA ALA A 41 -33.31 15.72 -21.52
C ALA A 41 -33.36 16.57 -22.79
N THR A 42 -33.33 15.90 -23.94
CA THR A 42 -33.35 16.61 -25.21
C THR A 42 -34.66 17.36 -25.39
N ALA A 43 -35.76 16.70 -25.05
CA ALA A 43 -37.08 17.25 -25.31
C ALA A 43 -37.27 18.45 -24.38
N TYR A 44 -36.74 18.34 -23.17
CA TYR A 44 -36.91 19.40 -22.20
C TYR A 44 -36.17 20.63 -22.70
N GLU A 45 -34.94 20.45 -23.16
CA GLU A 45 -34.17 21.56 -23.68
C GLU A 45 -34.81 22.16 -24.93
N LYS A 46 -35.38 21.31 -25.78
CA LYS A 46 -36.06 21.84 -26.95
C LYS A 46 -37.18 22.79 -26.50
N ALA A 47 -37.93 22.35 -25.50
CA ALA A 47 -39.11 23.12 -25.09
C ALA A 47 -38.76 24.36 -24.29
N THR A 48 -37.68 24.29 -23.50
CA THR A 48 -37.43 25.36 -22.54
C THR A 48 -36.18 26.17 -22.82
N GLY A 49 -35.29 25.62 -23.64
CA GLY A 49 -33.98 26.22 -23.87
C GLY A 49 -32.96 25.92 -22.78
N THR A 50 -33.37 25.18 -21.75
CA THR A 50 -32.47 24.83 -20.66
C THR A 50 -31.90 23.43 -20.91
N PRO A 51 -30.57 23.32 -21.03
CA PRO A 51 -29.97 22.01 -21.20
C PRO A 51 -30.07 21.19 -19.93
N VAL A 52 -30.07 19.87 -20.12
CA VAL A 52 -30.20 18.94 -19.03
C VAL A 52 -29.03 18.00 -19.23
N ARG A 53 -28.25 17.81 -18.18
CA ARG A 53 -27.08 16.91 -18.24
C ARG A 53 -27.41 15.75 -17.32
N VAL A 54 -27.49 14.57 -17.89
CA VAL A 54 -27.87 13.38 -17.11
C VAL A 54 -26.66 12.50 -16.86
N SER A 55 -26.50 12.11 -15.60
CA SER A 55 -25.51 11.11 -15.21
C SER A 55 -26.24 9.84 -14.82
N TYR A 56 -25.79 8.70 -15.36
CA TYR A 56 -26.42 7.41 -15.05
C TYR A 56 -25.48 6.53 -14.28
N ALA A 57 -26.05 5.78 -13.34
CA ALA A 57 -25.31 4.80 -12.57
C ALA A 57 -26.37 4.02 -11.83
N ALA A 58 -25.99 2.96 -11.13
CA ALA A 58 -26.93 2.40 -10.17
C ALA A 58 -27.49 3.48 -9.24
N SER A 59 -28.74 3.32 -8.81
CA SER A 59 -29.37 4.34 -7.99
C SER A 59 -28.62 4.53 -6.69
N SER A 60 -28.10 3.42 -6.17
CA SER A 60 -27.25 3.40 -5.00
C SER A 60 -26.04 4.33 -5.15
N ALA A 61 -25.31 4.18 -6.26
CA ALA A 61 -24.12 4.95 -6.54
C ALA A 61 -24.47 6.44 -6.57
N LEU A 62 -25.55 6.77 -7.28
CA LEU A 62 -25.97 8.16 -7.43
C LEU A 62 -26.36 8.81 -6.11
N ALA A 63 -27.14 8.06 -5.32
CA ALA A 63 -27.60 8.51 -4.02
C ALA A 63 -26.40 8.74 -3.08
N ARG A 64 -25.47 7.79 -3.08
CA ARG A 64 -24.25 7.94 -2.30
C ARG A 64 -23.44 9.15 -2.77
N GLN A 65 -23.29 9.31 -4.08
CA GLN A 65 -22.56 10.46 -4.61
C GLN A 65 -23.21 11.78 -4.18
N ILE A 66 -24.54 11.83 -4.25
CA ILE A 66 -25.28 13.01 -3.81
C ILE A 66 -25.06 13.24 -2.30
N GLU A 67 -25.17 12.18 -1.51
CA GLU A 67 -25.00 12.32 -0.07
C GLU A 67 -23.63 12.89 0.28
N GLN A 68 -22.64 12.53 -0.53
CA GLN A 68 -21.28 13.01 -0.34
C GLN A 68 -21.00 14.34 -1.01
N GLY A 69 -22.03 14.97 -1.56
CA GLY A 69 -21.93 16.35 -2.02
C GLY A 69 -21.81 16.59 -3.52
N ALA A 70 -22.00 15.55 -4.33
CA ALA A 70 -22.02 15.72 -5.79
C ALA A 70 -23.12 16.72 -6.10
N PRO A 71 -22.82 17.72 -6.94
CA PRO A 71 -23.79 18.78 -7.20
C PRO A 71 -24.86 18.39 -8.23
N ALA A 72 -25.85 17.62 -7.77
CA ALA A 72 -26.97 17.20 -8.60
C ALA A 72 -28.19 18.08 -8.31
N ASP A 73 -29.06 18.25 -9.29
CA ASP A 73 -30.27 19.04 -9.10
C ASP A 73 -31.48 18.15 -8.92
N VAL A 74 -31.47 17.01 -9.60
CA VAL A 74 -32.61 16.10 -9.68
C VAL A 74 -32.08 14.68 -9.55
N PHE A 75 -32.79 13.85 -8.81
CA PHE A 75 -32.43 12.45 -8.66
C PHE A 75 -33.63 11.58 -9.01
N LEU A 76 -33.40 10.54 -9.80
CA LEU A 76 -34.44 9.54 -10.08
C LEU A 76 -33.85 8.21 -9.71
N SER A 77 -34.50 7.54 -8.77
CA SER A 77 -34.03 6.25 -8.29
C SER A 77 -34.90 5.16 -8.88
N ALA A 78 -34.35 3.95 -9.01
CA ALA A 78 -35.13 2.81 -9.45
C ALA A 78 -35.81 2.11 -8.30
N ASP A 79 -35.69 2.71 -7.10
CA ASP A 79 -36.43 2.17 -5.96
C ASP A 79 -36.69 3.23 -4.92
N LEU A 80 -37.60 2.91 -4.00
CA LEU A 80 -37.89 3.85 -2.92
C LEU A 80 -36.72 4.04 -1.96
N GLU A 81 -36.02 2.94 -1.70
CA GLU A 81 -35.01 2.94 -0.66
C GLU A 81 -33.94 3.99 -0.84
N TRP A 82 -33.44 4.17 -2.06
CA TRP A 82 -32.37 5.15 -2.25
C TRP A 82 -32.84 6.58 -2.23
N MET A 83 -34.13 6.80 -2.52
CA MET A 83 -34.71 8.11 -2.33
C MET A 83 -34.91 8.38 -0.84
N ASP A 84 -35.42 7.37 -0.13
CA ASP A 84 -35.52 7.42 1.33
C ASP A 84 -34.18 7.78 1.95
N TYR A 85 -33.12 7.14 1.47
CA TYR A 85 -31.76 7.40 1.93
C TYR A 85 -31.45 8.90 1.87
N LEU A 86 -31.72 9.53 0.74
CA LEU A 86 -31.47 10.95 0.61
C LEU A 86 -32.38 11.79 1.51
N GLN A 87 -33.63 11.35 1.63
CA GLN A 87 -34.58 12.08 2.46
C GLN A 87 -34.12 12.09 3.92
N GLN A 88 -33.71 10.92 4.39
CA GLN A 88 -33.28 10.71 5.77
C GLN A 88 -32.03 11.53 6.09
N HIS A 89 -31.22 11.78 5.05
CA HIS A 89 -30.05 12.66 5.16
C HIS A 89 -30.34 14.14 4.87
N GLY A 90 -31.62 14.50 4.76
CA GLY A 90 -32.04 15.90 4.62
C GLY A 90 -31.74 16.51 3.25
N LEU A 91 -31.47 15.65 2.27
CA LEU A 91 -31.10 16.11 0.93
C LEU A 91 -32.28 16.17 -0.01
N VAL A 92 -33.36 15.47 0.40
CA VAL A 92 -34.63 15.48 -0.31
C VAL A 92 -35.75 15.79 0.69
N LEU A 93 -36.58 16.76 0.37
CA LEU A 93 -37.74 17.06 1.20
C LEU A 93 -38.95 16.30 0.64
N PRO A 94 -39.78 15.72 1.52
CA PRO A 94 -40.87 14.87 1.04
C PRO A 94 -41.76 15.57 0.00
N ALA A 95 -41.99 16.87 0.16
CA ALA A 95 -42.84 17.64 -0.76
C ALA A 95 -42.28 17.71 -2.17
N GLN A 96 -40.96 17.53 -2.30
CA GLN A 96 -40.27 17.67 -3.58
C GLN A 96 -39.96 16.32 -4.21
N ARG A 97 -40.51 15.25 -3.65
CA ARG A 97 -40.34 13.92 -4.20
C ARG A 97 -41.68 13.33 -4.61
N HIS A 98 -41.69 12.56 -5.69
CA HIS A 98 -42.87 11.76 -6.01
C HIS A 98 -42.53 10.66 -6.97
N ASN A 99 -43.42 9.68 -6.99
CA ASN A 99 -43.23 8.51 -7.79
C ASN A 99 -43.59 8.84 -9.21
N LEU A 100 -42.77 8.36 -10.14
CA LEU A 100 -42.93 8.77 -11.51
C LEU A 100 -43.24 7.60 -12.39
N LEU A 101 -42.49 6.52 -12.20
CA LEU A 101 -42.51 5.39 -13.12
C LEU A 101 -42.57 4.08 -12.40
N GLY A 102 -43.04 3.08 -13.12
CA GLY A 102 -42.96 1.71 -12.67
C GLY A 102 -42.35 0.83 -13.71
N ASN A 103 -42.01 -0.38 -13.30
CA ASN A 103 -41.41 -1.36 -14.20
C ASN A 103 -41.82 -2.76 -13.78
N THR A 104 -41.45 -3.71 -14.62
CA THR A 104 -41.57 -5.11 -14.30
C THR A 104 -40.18 -5.67 -14.18
N LEU A 105 -40.09 -6.86 -13.56
CA LEU A 105 -38.82 -7.56 -13.43
C LEU A 105 -38.85 -8.78 -14.32
N VAL A 106 -37.83 -8.91 -15.16
CA VAL A 106 -37.82 -9.99 -16.13
C VAL A 106 -36.53 -10.80 -16.04
N LEU A 107 -36.68 -12.06 -16.43
CA LEU A 107 -35.57 -12.97 -16.63
C LEU A 107 -35.28 -12.89 -18.12
N VAL A 108 -34.05 -12.54 -18.45
CA VAL A 108 -33.61 -12.43 -19.83
C VAL A 108 -32.49 -13.40 -20.16
N ALA A 109 -32.37 -13.71 -21.44
CA ALA A 109 -31.31 -14.52 -21.99
C ALA A 109 -30.82 -13.82 -23.24
N PRO A 110 -29.66 -14.24 -23.76
CA PRO A 110 -29.21 -13.75 -25.06
C PRO A 110 -30.30 -14.04 -26.10
N ALA A 111 -30.46 -13.15 -27.07
CA ALA A 111 -31.51 -13.29 -28.08
C ALA A 111 -31.57 -14.63 -28.80
N SER A 112 -30.40 -15.24 -28.99
CA SER A 112 -30.27 -16.50 -29.71
C SER A 112 -30.45 -17.72 -28.80
N SER A 113 -30.53 -17.47 -27.50
CA SER A 113 -30.72 -18.56 -26.55
C SER A 113 -32.07 -19.23 -26.74
N LYS A 114 -32.09 -20.54 -26.54
CA LYS A 114 -33.31 -21.31 -26.64
C LYS A 114 -33.84 -21.69 -25.28
N LEU A 115 -33.26 -21.12 -24.22
CA LEU A 115 -33.69 -21.48 -22.87
C LEU A 115 -35.16 -21.20 -22.68
N ARG A 116 -35.84 -22.13 -22.02
CA ARG A 116 -37.19 -21.91 -21.57
C ARG A 116 -37.13 -22.14 -20.07
N VAL A 117 -37.53 -21.13 -19.30
CA VAL A 117 -37.38 -21.18 -17.84
C VAL A 117 -38.60 -20.65 -17.15
N ASP A 118 -39.14 -21.45 -16.25
CA ASP A 118 -40.22 -21.00 -15.41
C ASP A 118 -39.59 -20.64 -14.09
N PRO A 119 -39.56 -19.37 -13.72
CA PRO A 119 -38.82 -18.97 -12.52
C PRO A 119 -39.39 -19.59 -11.26
N ARG A 120 -40.68 -19.93 -11.28
CA ARG A 120 -41.33 -20.62 -10.14
C ARG A 120 -40.91 -22.06 -9.96
N ALA A 121 -40.41 -22.71 -11.01
CA ALA A 121 -40.06 -24.13 -10.90
C ALA A 121 -38.80 -24.34 -10.09
N PRO A 122 -38.88 -25.14 -9.00
CA PRO A 122 -37.69 -25.34 -8.19
C PRO A 122 -36.44 -25.74 -8.99
N GLY A 123 -35.40 -24.92 -8.84
CA GLY A 123 -34.12 -25.14 -9.49
C GLY A 123 -34.05 -24.81 -10.97
N ALA A 124 -35.12 -24.28 -11.53
CA ALA A 124 -35.12 -24.07 -12.99
C ALA A 124 -34.14 -22.98 -13.41
N ILE A 125 -34.07 -21.90 -12.64
CA ILE A 125 -33.12 -20.83 -12.96
C ILE A 125 -31.70 -21.40 -12.85
N ALA A 126 -31.43 -22.11 -11.77
CA ALA A 126 -30.10 -22.66 -11.56
C ALA A 126 -29.72 -23.63 -12.67
N LYS A 127 -30.65 -24.51 -13.03
CA LYS A 127 -30.30 -25.51 -14.03
C LYS A 127 -30.00 -24.82 -15.35
N ALA A 128 -30.74 -23.75 -15.64
CA ALA A 128 -30.57 -23.01 -16.88
C ALA A 128 -29.24 -22.29 -16.99
N LEU A 129 -28.53 -22.17 -15.86
CA LEU A 129 -27.17 -21.62 -15.87
C LEU A 129 -26.15 -22.57 -16.48
N GLY A 130 -26.54 -23.83 -16.66
CA GLY A 130 -25.65 -24.84 -17.20
C GLY A 130 -24.54 -25.18 -16.21
N GLU A 131 -23.43 -25.69 -16.74
CA GLU A 131 -22.35 -26.18 -15.90
C GLU A 131 -21.69 -25.06 -15.11
N ASN A 132 -21.38 -23.95 -15.77
CA ASN A 132 -20.58 -22.86 -15.16
C ASN A 132 -21.13 -21.46 -15.34
N GLY A 133 -22.30 -21.36 -15.94
CA GLY A 133 -22.90 -20.05 -16.18
C GLY A 133 -23.26 -19.33 -14.90
N ARG A 134 -23.33 -18.01 -14.98
CA ARG A 134 -23.72 -17.21 -13.85
C ARG A 134 -24.93 -16.37 -14.21
N LEU A 135 -25.71 -16.02 -13.19
CA LEU A 135 -26.92 -15.25 -13.34
C LEU A 135 -26.56 -13.78 -13.19
N ALA A 136 -26.67 -13.04 -14.29
CA ALA A 136 -26.33 -11.61 -14.29
C ALA A 136 -27.39 -10.85 -13.54
N VAL A 137 -26.99 -10.18 -12.47
CA VAL A 137 -27.92 -9.37 -11.69
C VAL A 137 -27.22 -8.09 -11.30
N GLY A 138 -27.99 -7.06 -10.98
CA GLY A 138 -27.46 -5.89 -10.27
C GLY A 138 -26.94 -6.38 -8.93
N GLN A 139 -25.90 -5.71 -8.42
CA GLN A 139 -25.33 -6.07 -7.12
C GLN A 139 -26.49 -6.08 -6.15
N THR A 140 -26.68 -7.21 -5.46
CA THR A 140 -27.97 -7.45 -4.84
C THR A 140 -28.22 -6.66 -3.56
N ALA A 141 -27.16 -6.30 -2.84
CA ALA A 141 -27.29 -5.57 -1.61
C ALA A 141 -27.74 -4.15 -1.89
N SER A 142 -27.28 -3.55 -3.00
CA SER A 142 -27.49 -2.13 -3.19
C SER A 142 -28.16 -1.69 -4.48
N VAL A 143 -27.91 -2.37 -5.58
CA VAL A 143 -28.45 -1.93 -6.86
C VAL A 143 -29.94 -2.26 -6.85
N PRO A 144 -30.80 -1.27 -7.09
CA PRO A 144 -32.23 -1.65 -7.03
C PRO A 144 -32.63 -2.90 -7.79
N ALA A 145 -32.14 -3.06 -9.01
CA ALA A 145 -32.51 -4.24 -9.80
C ALA A 145 -31.98 -5.50 -9.16
N GLY A 146 -30.83 -5.40 -8.50
CA GLY A 146 -30.26 -6.51 -7.74
C GLY A 146 -31.10 -6.83 -6.53
N SER A 147 -31.56 -5.80 -5.82
CA SER A 147 -32.33 -6.09 -4.63
C SER A 147 -33.73 -6.57 -4.99
N TYR A 148 -34.31 -6.03 -6.07
CA TYR A 148 -35.60 -6.60 -6.51
C TYR A 148 -35.42 -8.06 -6.93
N ALA A 149 -34.33 -8.35 -7.66
CA ALA A 149 -34.04 -9.70 -8.11
C ALA A 149 -33.85 -10.64 -6.93
N ALA A 150 -33.06 -10.22 -5.94
CA ALA A 150 -32.80 -11.10 -4.80
C ALA A 150 -34.11 -11.33 -4.07
N ALA A 151 -34.96 -10.31 -3.97
CA ALA A 151 -36.25 -10.47 -3.27
C ALA A 151 -37.12 -11.49 -4.00
N ALA A 152 -37.15 -11.37 -5.33
CA ALA A 152 -37.91 -12.30 -6.17
C ALA A 152 -37.36 -13.71 -6.04
N LEU A 153 -36.04 -13.83 -6.11
CA LEU A 153 -35.42 -15.15 -6.01
C LEU A 153 -35.70 -15.80 -4.66
N ARG A 154 -35.57 -15.03 -3.59
CA ARG A 154 -35.88 -15.54 -2.25
C ARG A 154 -37.35 -15.94 -2.15
N LYS A 155 -38.24 -15.05 -2.58
CA LYS A 155 -39.68 -15.30 -2.47
C LYS A 155 -40.05 -16.59 -3.21
N LEU A 156 -39.39 -16.84 -4.34
CA LEU A 156 -39.67 -18.02 -5.15
C LEU A 156 -38.87 -19.25 -4.72
N GLY A 157 -38.14 -19.10 -3.62
CA GLY A 157 -37.35 -20.19 -3.06
C GLY A 157 -36.15 -20.63 -3.88
N GLN A 158 -35.68 -19.75 -4.77
CA GLN A 158 -34.61 -20.08 -5.72
C GLN A 158 -33.29 -19.43 -5.37
N TRP A 159 -33.28 -18.62 -4.32
CA TRP A 159 -32.07 -17.88 -3.97
C TRP A 159 -30.87 -18.79 -3.70
N ASP A 160 -31.03 -19.79 -2.83
CA ASP A 160 -29.89 -20.62 -2.48
C ASP A 160 -29.32 -21.33 -3.68
N SER A 161 -30.16 -21.64 -4.66
CA SER A 161 -29.71 -22.37 -5.82
C SER A 161 -28.86 -21.52 -6.74
N VAL A 162 -28.94 -20.19 -6.59
CA VAL A 162 -28.17 -19.30 -7.47
C VAL A 162 -27.29 -18.29 -6.77
N SER A 163 -27.38 -18.23 -5.44
CA SER A 163 -26.69 -17.16 -4.71
C SER A 163 -25.17 -17.23 -4.84
N ASN A 164 -24.62 -18.42 -5.09
CA ASN A 164 -23.19 -18.56 -5.33
C ASN A 164 -22.85 -18.59 -6.80
N ARG A 165 -23.83 -18.24 -7.62
CA ARG A 165 -23.70 -18.38 -9.07
C ARG A 165 -24.15 -17.08 -9.72
N LEU A 166 -24.00 -15.99 -8.98
CA LEU A 166 -24.40 -14.64 -9.49
C LEU A 166 -23.25 -13.99 -10.18
N ALA A 167 -23.56 -13.20 -11.21
CA ALA A 167 -22.60 -12.27 -11.78
C ALA A 167 -23.12 -10.90 -11.41
N GLU A 168 -22.85 -10.49 -10.17
CA GLU A 168 -23.31 -9.22 -9.64
C GLU A 168 -22.61 -8.09 -10.37
N SER A 169 -23.42 -7.13 -10.80
CA SER A 169 -22.98 -6.10 -11.72
C SER A 169 -23.27 -4.74 -11.15
N GLU A 170 -22.57 -3.72 -11.65
CA GLU A 170 -22.59 -2.41 -11.01
C GLU A 170 -23.97 -1.75 -11.16
N SER A 171 -24.73 -2.15 -12.18
CA SER A 171 -26.08 -1.64 -12.37
C SER A 171 -26.90 -2.64 -13.13
N VAL A 172 -28.19 -2.35 -13.31
CA VAL A 172 -29.00 -3.24 -14.10
C VAL A 172 -28.54 -3.31 -15.55
N ARG A 173 -27.95 -2.23 -16.06
CA ARG A 173 -27.53 -2.19 -17.42
C ARG A 173 -26.18 -2.92 -17.61
N ALA A 174 -25.32 -2.91 -16.58
CA ALA A 174 -24.11 -3.73 -16.62
C ALA A 174 -24.49 -5.21 -16.65
N ALA A 175 -25.53 -5.58 -15.92
CA ALA A 175 -26.07 -6.94 -15.92
C ALA A 175 -26.61 -7.27 -17.31
N LEU A 176 -27.40 -6.37 -17.86
CA LEU A 176 -27.96 -6.55 -19.16
C LEU A 176 -26.85 -6.79 -20.16
N MET A 177 -25.77 -6.03 -20.05
CA MET A 177 -24.65 -6.16 -20.99
C MET A 177 -24.01 -7.55 -20.96
N LEU A 178 -23.91 -8.15 -19.77
CA LEU A 178 -23.38 -9.53 -19.68
C LEU A 178 -24.22 -10.49 -20.51
N VAL A 179 -25.54 -10.32 -20.44
CA VAL A 179 -26.45 -11.22 -21.12
C VAL A 179 -26.38 -10.91 -22.61
N SER A 180 -26.40 -9.64 -22.96
CA SER A 180 -26.28 -9.28 -24.38
C SER A 180 -25.07 -9.93 -25.04
N ARG A 181 -23.96 -9.95 -24.31
CA ARG A 181 -22.74 -10.57 -24.83
C ARG A 181 -22.67 -12.07 -24.72
N GLY A 182 -23.70 -12.68 -24.13
CA GLY A 182 -23.76 -14.12 -23.92
C GLY A 182 -22.78 -14.59 -22.87
N GLU A 183 -22.26 -13.66 -22.09
CA GLU A 183 -21.34 -13.97 -20.99
C GLU A 183 -22.06 -14.41 -19.74
N ALA A 184 -23.38 -14.21 -19.71
CA ALA A 184 -24.23 -14.81 -18.71
C ALA A 184 -25.41 -15.39 -19.49
N PRO A 185 -25.78 -16.65 -19.22
CA PRO A 185 -26.83 -17.26 -20.03
C PRO A 185 -28.22 -16.73 -19.63
N LEU A 186 -28.29 -16.15 -18.42
CA LEU A 186 -29.51 -15.57 -17.91
C LEU A 186 -29.16 -14.34 -17.11
N GLY A 187 -30.10 -13.41 -17.07
CA GLY A 187 -29.97 -12.28 -16.19
C GLY A 187 -31.31 -11.82 -15.72
N ILE A 188 -31.29 -10.99 -14.69
CA ILE A 188 -32.52 -10.40 -14.20
C ILE A 188 -32.39 -8.90 -14.32
N VAL A 189 -33.29 -8.35 -15.12
CA VAL A 189 -33.32 -6.95 -15.45
C VAL A 189 -34.76 -6.41 -15.41
N TYR A 190 -34.97 -5.16 -15.78
CA TYR A 190 -36.34 -4.67 -15.88
C TYR A 190 -36.93 -4.93 -17.24
N GLY A 191 -38.26 -4.96 -17.27
CA GLY A 191 -38.96 -5.10 -18.56
C GLY A 191 -38.45 -4.06 -19.53
N SER A 192 -38.32 -2.83 -19.07
CA SER A 192 -37.87 -1.75 -19.95
C SER A 192 -36.45 -1.99 -20.48
N ASP A 193 -35.61 -2.64 -19.66
CA ASP A 193 -34.25 -3.00 -20.13
C ASP A 193 -34.30 -3.94 -21.29
N ALA A 194 -35.16 -4.96 -21.17
CA ALA A 194 -35.33 -5.89 -22.25
C ALA A 194 -35.80 -5.16 -23.51
N ARG A 195 -36.73 -4.22 -23.38
CA ARG A 195 -37.22 -3.51 -24.56
C ARG A 195 -36.07 -2.71 -25.16
N ALA A 196 -35.22 -2.19 -24.29
CA ALA A 196 -34.06 -1.36 -24.67
C ALA A 196 -32.92 -2.14 -25.34
N ASP A 197 -32.98 -3.47 -25.30
CA ASP A 197 -31.90 -4.26 -25.89
C ASP A 197 -32.40 -5.51 -26.56
N ALA A 198 -32.55 -5.42 -27.87
CA ALA A 198 -33.02 -6.55 -28.67
C ALA A 198 -32.03 -7.72 -28.71
N LYS A 199 -30.82 -7.49 -28.18
CA LYS A 199 -29.82 -8.54 -28.13
C LYS A 199 -30.08 -9.47 -26.98
N VAL A 200 -31.07 -9.11 -26.15
CA VAL A 200 -31.59 -10.07 -25.16
C VAL A 200 -33.05 -10.39 -25.47
N ARG A 201 -33.56 -11.43 -24.83
CA ARG A 201 -34.97 -11.78 -24.99
C ARG A 201 -35.52 -12.08 -23.63
N VAL A 202 -36.81 -11.86 -23.44
CA VAL A 202 -37.44 -12.16 -22.17
C VAL A 202 -37.78 -13.63 -22.15
N VAL A 203 -37.17 -14.32 -21.19
CA VAL A 203 -37.44 -15.73 -20.92
C VAL A 203 -38.67 -15.86 -20.05
N ALA A 204 -38.86 -14.91 -19.14
CA ALA A 204 -39.99 -14.92 -18.23
C ALA A 204 -40.14 -13.57 -17.55
N THR A 205 -41.35 -13.28 -17.08
CA THR A 205 -41.54 -12.12 -16.24
C THR A 205 -41.77 -12.61 -14.84
N PHE A 206 -40.98 -12.11 -13.90
CA PHE A 206 -41.20 -12.43 -12.51
C PHE A 206 -42.57 -11.99 -12.04
N PRO A 207 -43.22 -12.83 -11.22
CA PRO A 207 -44.51 -12.45 -10.69
C PRO A 207 -44.44 -11.05 -10.09
N ASP A 208 -45.43 -10.19 -10.32
CA ASP A 208 -45.38 -8.85 -9.75
C ASP A 208 -45.29 -8.89 -8.23
N ASP A 209 -45.86 -9.92 -7.63
CA ASP A 209 -45.86 -10.04 -6.17
C ASP A 209 -44.66 -10.80 -5.62
N SER A 210 -43.68 -11.08 -6.48
CA SER A 210 -42.47 -11.76 -5.99
C SER A 210 -41.48 -10.75 -5.44
N HIS A 211 -41.79 -9.46 -5.58
CA HIS A 211 -40.89 -8.39 -5.16
C HIS A 211 -41.72 -7.16 -4.88
N ASP A 212 -41.11 -6.18 -4.22
CA ASP A 212 -41.71 -4.87 -4.06
C ASP A 212 -42.05 -4.26 -5.39
N ALA A 213 -43.12 -3.48 -5.47
CA ALA A 213 -43.44 -2.80 -6.72
C ALA A 213 -42.21 -2.00 -7.16
N ILE A 214 -41.82 -2.16 -8.42
CA ILE A 214 -40.71 -1.40 -8.97
C ILE A 214 -41.21 0.00 -9.27
N VAL A 215 -40.69 0.97 -8.51
CA VAL A 215 -41.16 2.35 -8.57
C VAL A 215 -39.97 3.28 -8.61
N TYR A 216 -40.02 4.25 -9.51
CA TYR A 216 -38.96 5.24 -9.64
C TYR A 216 -39.48 6.55 -9.10
N PRO A 217 -39.02 6.94 -7.91
CA PRO A 217 -39.31 8.27 -7.40
C PRO A 217 -38.39 9.27 -8.07
N VAL A 218 -38.87 10.47 -8.27
CA VAL A 218 -38.05 11.57 -8.75
C VAL A 218 -38.08 12.65 -7.69
N ALA A 219 -36.96 13.36 -7.50
CA ALA A 219 -36.94 14.46 -6.55
C ALA A 219 -36.08 15.59 -7.05
N ALA A 220 -36.53 16.82 -6.80
CA ALA A 220 -35.67 18.00 -6.80
C ALA A 220 -34.85 17.91 -5.52
N LEU A 221 -33.53 18.04 -5.64
CA LEU A 221 -32.67 17.97 -4.46
C LEU A 221 -32.77 19.29 -3.71
N LYS A 222 -32.83 19.20 -2.39
CA LYS A 222 -33.01 20.37 -1.55
C LYS A 222 -31.96 21.43 -1.81
N ASN A 223 -30.72 20.99 -2.02
CA ASN A 223 -29.59 21.91 -2.16
C ASN A 223 -29.42 22.51 -3.55
N SER A 224 -30.25 22.07 -4.50
CA SER A 224 -30.14 22.59 -5.86
C SER A 224 -30.39 24.09 -5.90
N ASN A 225 -29.53 24.78 -6.63
CA ASN A 225 -29.64 26.22 -6.84
C ASN A 225 -30.13 26.54 -8.25
N ASN A 226 -30.42 25.51 -9.03
CA ASN A 226 -30.79 25.73 -10.43
C ASN A 226 -32.23 26.23 -10.55
N PRO A 227 -32.44 27.37 -11.24
CA PRO A 227 -33.80 27.92 -11.31
C PRO A 227 -34.79 27.02 -12.04
N ALA A 228 -34.27 26.05 -12.80
CA ALA A 228 -35.11 25.16 -13.59
C ALA A 228 -35.33 23.78 -12.95
N THR A 229 -34.81 23.57 -11.74
CA THR A 229 -34.88 22.24 -11.15
C THR A 229 -36.30 21.77 -10.96
N ALA A 230 -37.13 22.61 -10.34
CA ALA A 230 -38.52 22.23 -10.11
C ALA A 230 -39.30 22.18 -11.42
N ALA A 231 -39.00 23.11 -12.32
CA ALA A 231 -39.56 23.12 -13.67
C ALA A 231 -39.30 21.80 -14.39
N PHE A 232 -38.08 21.29 -14.32
CA PHE A 232 -37.77 20.02 -14.97
C PHE A 232 -38.58 18.87 -14.37
N VAL A 233 -38.60 18.81 -13.04
CA VAL A 233 -39.35 17.77 -12.37
C VAL A 233 -40.85 17.85 -12.70
N SER A 234 -41.40 19.06 -12.70
CA SER A 234 -42.81 19.24 -13.00
C SER A 234 -43.08 18.81 -14.43
N TRP A 235 -42.12 19.13 -15.31
CA TRP A 235 -42.28 18.84 -16.73
C TRP A 235 -42.39 17.34 -17.00
N LEU A 236 -41.74 16.54 -16.17
CA LEU A 236 -41.83 15.08 -16.34
C LEU A 236 -43.26 14.54 -16.20
N GLY A 237 -44.15 15.33 -15.64
CA GLY A 237 -45.57 14.99 -15.53
C GLY A 237 -46.38 15.30 -16.77
N SER A 238 -45.79 16.02 -17.72
CA SER A 238 -46.54 16.45 -18.88
C SER A 238 -46.55 15.39 -19.97
N LYS A 239 -47.61 15.41 -20.77
CA LYS A 239 -47.88 14.38 -21.77
C LYS A 239 -46.68 13.93 -22.59
N PRO A 240 -45.97 14.89 -23.23
CA PRO A 240 -44.86 14.44 -24.08
C PRO A 240 -43.71 13.83 -23.29
N ALA A 241 -43.55 14.23 -22.03
CA ALA A 241 -42.53 13.62 -21.18
C ALA A 241 -42.95 12.23 -20.80
N LYS A 242 -44.19 12.10 -20.30
CA LYS A 242 -44.75 10.79 -19.99
C LYS A 242 -44.69 9.84 -21.19
N ALA A 243 -44.91 10.37 -22.39
CA ALA A 243 -44.99 9.56 -23.60
C ALA A 243 -43.65 8.91 -23.90
N ILE A 244 -42.58 9.60 -23.61
CA ILE A 244 -41.24 9.02 -23.76
C ILE A 244 -41.12 7.74 -22.95
N PHE A 245 -41.47 7.82 -21.69
CA PHE A 245 -41.31 6.68 -20.82
C PHE A 245 -42.30 5.60 -21.17
N ALA A 246 -43.52 5.99 -21.56
CA ALA A 246 -44.49 5.00 -21.96
C ALA A 246 -44.04 4.24 -23.21
N ARG A 247 -43.50 4.96 -24.19
CA ARG A 247 -43.04 4.32 -25.43
C ARG A 247 -41.96 3.31 -25.12
N ARG A 248 -41.21 3.59 -24.06
CA ARG A 248 -40.04 2.82 -23.72
C ARG A 248 -40.36 1.72 -22.72
N GLY A 249 -41.63 1.57 -22.39
CA GLY A 249 -42.08 0.38 -21.68
C GLY A 249 -42.12 0.55 -20.17
N PHE A 250 -42.08 1.80 -19.71
CA PHE A 250 -42.29 2.06 -18.29
C PHE A 250 -43.76 2.30 -18.05
N SER A 251 -44.26 1.87 -16.90
CA SER A 251 -45.59 2.32 -16.51
C SER A 251 -45.51 3.71 -15.87
N LEU A 252 -46.63 4.43 -15.86
CA LEU A 252 -46.63 5.80 -15.36
C LEU A 252 -47.34 5.85 -14.03
N LYS A 253 -46.76 6.58 -13.09
CA LYS A 253 -47.37 6.78 -11.77
C LYS A 253 -48.12 8.11 -11.72
N THR B 22 4.51 -9.19 17.24
CA THR B 22 5.69 -8.47 16.64
C THR B 22 6.51 -7.76 17.72
N ALA B 23 7.60 -8.39 18.13
CA ALA B 23 8.48 -7.78 19.11
C ALA B 23 9.34 -6.72 18.42
N PRO B 24 9.43 -5.53 19.02
CA PRO B 24 10.32 -4.53 18.45
C PRO B 24 11.74 -5.06 18.44
N VAL B 25 12.48 -4.66 17.43
CA VAL B 25 13.90 -5.01 17.38
C VAL B 25 14.62 -4.16 18.42
N THR B 26 15.35 -4.82 19.31
CA THR B 26 16.10 -4.11 20.33
C THR B 26 17.46 -3.77 19.76
N VAL B 27 17.68 -2.48 19.55
CA VAL B 27 18.91 -2.01 18.95
C VAL B 27 19.70 -1.18 19.95
N PHE B 28 20.98 -1.53 20.14
CA PHE B 28 21.87 -0.75 20.98
C PHE B 28 22.76 0.00 20.02
N ALA B 29 22.74 1.33 20.06
CA ALA B 29 23.49 2.12 19.08
C ALA B 29 24.39 3.10 19.74
N ALA B 30 25.63 3.21 19.24
CA ALA B 30 26.56 4.25 19.65
C ALA B 30 25.84 5.60 19.74
N ALA B 31 26.18 6.34 20.78
CA ALA B 31 25.57 7.66 21.03
C ALA B 31 25.54 8.59 19.82
N SER B 32 26.62 8.55 19.02
CA SER B 32 26.70 9.41 17.82
C SER B 32 25.66 9.06 16.77
N LEU B 33 25.00 7.93 16.93
CA LEU B 33 23.96 7.53 15.99
C LEU B 33 22.55 8.05 16.31
N LYS B 34 22.45 8.90 17.33
CA LYS B 34 21.15 9.36 17.86
C LYS B 34 20.15 9.73 16.78
N GLU B 35 20.45 10.76 16.00
CA GLU B 35 19.42 11.21 15.10
C GLU B 35 19.21 10.30 13.92
N SER B 36 20.30 9.76 13.41
CA SER B 36 20.22 8.94 12.22
C SER B 36 19.51 7.63 12.55
N MET B 37 19.84 6.98 13.67
CA MET B 37 19.17 5.75 14.02
C MET B 37 17.71 5.99 14.49
N ASP B 38 17.42 7.15 15.07
CA ASP B 38 16.05 7.48 15.37
C ASP B 38 15.23 7.52 14.06
N GLU B 39 15.79 8.21 13.07
CA GLU B 39 15.12 8.27 11.78
C GLU B 39 15.03 6.88 11.14
N ALA B 40 16.11 6.12 11.24
CA ALA B 40 16.15 4.76 10.71
C ALA B 40 15.11 3.87 11.36
N ALA B 41 15.02 3.96 12.68
CA ALA B 41 14.06 3.15 13.43
C ALA B 41 12.65 3.41 12.95
N THR B 42 12.33 4.67 12.74
CA THR B 42 11.03 5.05 12.33
C THR B 42 10.77 4.60 10.91
N ALA B 43 11.77 4.78 10.05
CA ALA B 43 11.61 4.45 8.63
C ALA B 43 11.48 2.95 8.48
N TYR B 44 12.23 2.22 9.28
CA TYR B 44 12.17 0.77 9.20
C TYR B 44 10.80 0.25 9.56
N GLU B 45 10.24 0.80 10.63
CA GLU B 45 8.91 0.41 11.07
C GLU B 45 7.86 0.74 10.00
N LYS B 46 8.01 1.89 9.36
CA LYS B 46 7.08 2.28 8.31
C LYS B 46 7.15 1.32 7.13
N ALA B 47 8.36 0.86 6.83
CA ALA B 47 8.61 -0.04 5.68
C ALA B 47 8.20 -1.49 5.94
N THR B 48 8.26 -1.91 7.20
CA THR B 48 8.13 -3.33 7.51
C THR B 48 7.03 -3.68 8.49
N GLY B 49 6.49 -2.68 9.16
CA GLY B 49 5.58 -2.92 10.27
C GLY B 49 6.27 -3.44 11.52
N THR B 50 7.59 -3.57 11.50
CA THR B 50 8.31 -3.98 12.70
C THR B 50 8.87 -2.78 13.46
N PRO B 51 8.40 -2.58 14.72
CA PRO B 51 8.95 -1.47 15.49
C PRO B 51 10.41 -1.71 15.86
N VAL B 52 11.13 -0.63 16.09
CA VAL B 52 12.54 -0.73 16.47
C VAL B 52 12.70 0.09 17.74
N ARG B 53 13.34 -0.49 18.76
CA ARG B 53 13.56 0.21 19.99
C ARG B 53 15.04 0.41 20.16
N VAL B 54 15.47 1.67 20.10
CA VAL B 54 16.90 1.93 20.13
C VAL B 54 17.30 2.50 21.45
N SER B 55 18.39 1.96 22.01
CA SER B 55 19.04 2.50 23.18
C SER B 55 20.38 3.07 22.75
N TYR B 56 20.68 4.26 23.24
CA TYR B 56 21.90 4.97 22.94
C TYR B 56 22.77 5.11 24.15
N ALA B 57 24.06 4.93 23.96
CA ALA B 57 25.06 5.20 24.96
C ALA B 57 26.39 5.10 24.24
N ALA B 58 27.48 5.34 24.96
CA ALA B 58 28.79 5.06 24.40
C ALA B 58 28.82 3.59 24.01
N SER B 59 29.54 3.29 22.93
CA SER B 59 29.59 1.90 22.42
C SER B 59 30.12 0.97 23.49
N SER B 60 31.01 1.52 24.30
CA SER B 60 31.60 0.81 25.43
C SER B 60 30.52 0.39 26.43
N ALA B 61 29.72 1.34 26.89
CA ALA B 61 28.63 1.06 27.81
C ALA B 61 27.69 0.01 27.25
N LEU B 62 27.36 0.15 25.96
CA LEU B 62 26.40 -0.73 25.34
C LEU B 62 26.94 -2.14 25.25
N ALA B 63 28.20 -2.26 24.82
CA ALA B 63 28.81 -3.57 24.63
C ALA B 63 28.99 -4.25 25.97
N ARG B 64 29.40 -3.48 26.98
CA ARG B 64 29.49 -4.03 28.33
C ARG B 64 28.12 -4.55 28.78
N GLN B 65 27.08 -3.77 28.54
CA GLN B 65 25.73 -4.26 28.92
C GLN B 65 25.39 -5.55 28.18
N ILE B 66 25.73 -5.64 26.90
CA ILE B 66 25.43 -6.83 26.14
C ILE B 66 26.18 -8.00 26.73
N GLU B 67 27.46 -7.80 27.02
CA GLU B 67 28.26 -8.89 27.57
C GLU B 67 27.69 -9.36 28.91
N GLN B 68 27.11 -8.41 29.64
CA GLN B 68 26.50 -8.73 30.92
C GLN B 68 25.16 -9.42 30.79
N GLY B 69 24.59 -9.44 29.58
CA GLY B 69 23.33 -10.12 29.35
C GLY B 69 22.24 -9.32 28.72
N ALA B 70 22.47 -8.02 28.49
CA ALA B 70 21.44 -7.20 27.84
C ALA B 70 21.09 -7.82 26.49
N PRO B 71 19.80 -8.08 26.25
CA PRO B 71 19.36 -8.81 25.08
C PRO B 71 19.20 -7.90 23.87
N ALA B 72 20.28 -7.20 23.53
CA ALA B 72 20.27 -6.49 22.27
C ALA B 72 20.12 -7.48 21.14
N ASP B 73 19.31 -7.10 20.15
CA ASP B 73 19.24 -7.85 18.90
C ASP B 73 20.30 -7.38 17.93
N VAL B 74 20.57 -6.07 17.92
CA VAL B 74 21.47 -5.45 16.98
C VAL B 74 22.34 -4.48 17.75
N PHE B 75 23.62 -4.42 17.39
CA PHE B 75 24.54 -3.53 18.03
C PHE B 75 25.28 -2.80 16.95
N LEU B 76 25.31 -1.48 17.08
CA LEU B 76 26.17 -0.65 16.24
C LEU B 76 27.16 0.06 17.11
N SER B 77 28.44 -0.23 16.87
CA SER B 77 29.51 0.38 17.63
C SER B 77 30.13 1.50 16.82
N ALA B 78 30.69 2.49 17.50
CA ALA B 78 31.46 3.56 16.84
C ALA B 78 32.92 3.16 16.61
N ASP B 79 33.30 1.97 17.07
CA ASP B 79 34.61 1.41 16.69
C ASP B 79 34.58 -0.09 16.52
N LEU B 80 35.67 -0.60 15.94
CA LEU B 80 35.80 -2.04 15.77
C LEU B 80 36.08 -2.71 17.11
N GLU B 81 36.82 -2.03 17.97
CA GLU B 81 37.31 -2.66 19.19
C GLU B 81 36.19 -3.23 20.04
N TRP B 82 35.13 -2.45 20.22
CA TRP B 82 34.02 -2.92 21.03
C TRP B 82 33.20 -4.01 20.37
N MET B 83 33.21 -4.07 19.04
CA MET B 83 32.54 -5.15 18.36
C MET B 83 33.40 -6.38 18.49
N ASP B 84 34.70 -6.22 18.32
CA ASP B 84 35.63 -7.33 18.52
C ASP B 84 35.48 -7.90 19.91
N TYR B 85 35.29 -7.02 20.87
CA TYR B 85 35.08 -7.43 22.25
C TYR B 85 33.92 -8.45 22.32
N LEU B 86 32.80 -8.14 21.68
CA LEU B 86 31.66 -9.07 21.73
C LEU B 86 31.93 -10.32 20.92
N GLN B 87 32.65 -10.16 19.81
CA GLN B 87 32.89 -11.31 18.95
C GLN B 87 33.77 -12.30 19.67
N GLN B 88 34.79 -11.78 20.34
CA GLN B 88 35.73 -12.62 21.08
C GLN B 88 35.00 -13.39 22.18
N HIS B 89 33.99 -12.74 22.78
CA HIS B 89 33.16 -13.38 23.76
C HIS B 89 32.10 -14.34 23.21
N GLY B 90 32.09 -14.49 21.88
CA GLY B 90 31.17 -15.38 21.16
C GLY B 90 29.76 -14.86 20.99
N LEU B 91 29.59 -13.57 21.28
CA LEU B 91 28.25 -12.96 21.27
C LEU B 91 27.88 -12.43 19.91
N VAL B 92 28.89 -12.31 19.06
CA VAL B 92 28.70 -11.84 17.71
C VAL B 92 29.48 -12.81 16.84
N LEU B 93 28.83 -13.26 15.79
CA LEU B 93 29.48 -14.09 14.77
C LEU B 93 29.96 -13.28 13.58
N PRO B 94 31.14 -13.62 13.01
CA PRO B 94 31.63 -12.87 11.85
C PRO B 94 30.62 -12.74 10.72
N ALA B 95 29.85 -13.81 10.45
CA ALA B 95 28.87 -13.79 9.37
C ALA B 95 27.78 -12.76 9.58
N GLN B 96 27.63 -12.31 10.83
CA GLN B 96 26.54 -11.43 11.18
C GLN B 96 27.01 -10.01 11.45
N ARG B 97 28.25 -9.75 11.10
CA ARG B 97 28.82 -8.44 11.37
C ARG B 97 29.45 -7.85 10.13
N HIS B 98 29.28 -6.55 9.93
CA HIS B 98 30.04 -5.88 8.90
C HIS B 98 30.09 -4.39 9.17
N ASN B 99 31.02 -3.73 8.51
CA ASN B 99 31.19 -2.32 8.70
C ASN B 99 30.16 -1.57 7.91
N LEU B 100 29.58 -0.57 8.56
CA LEU B 100 28.43 0.11 7.98
C LEU B 100 28.75 1.55 7.63
N LEU B 101 29.40 2.24 8.56
CA LEU B 101 29.59 3.68 8.44
C LEU B 101 31.00 4.06 8.81
N GLY B 102 31.40 5.24 8.36
CA GLY B 102 32.65 5.86 8.79
C GLY B 102 32.37 7.26 9.25
N ASN B 103 33.37 7.90 9.82
CA ASN B 103 33.18 9.27 10.31
C ASN B 103 34.53 9.96 10.34
N THR B 104 34.51 11.24 10.63
CA THR B 104 35.70 12.02 10.88
C THR B 104 35.73 12.46 12.34
N LEU B 105 36.90 12.89 12.79
CA LEU B 105 37.04 13.40 14.15
C LEU B 105 37.28 14.89 14.06
N VAL B 106 36.52 15.67 14.81
CA VAL B 106 36.64 17.13 14.76
C VAL B 106 36.83 17.77 16.12
N LEU B 107 37.46 18.94 16.07
CA LEU B 107 37.61 19.80 17.23
C LEU B 107 36.49 20.83 17.16
N VAL B 108 35.66 20.88 18.18
CA VAL B 108 34.53 21.80 18.15
C VAL B 108 34.57 22.82 19.30
N ALA B 109 33.88 23.94 19.09
CA ALA B 109 33.70 24.97 20.10
C ALA B 109 32.25 25.41 20.09
N PRO B 110 31.78 26.10 21.15
CA PRO B 110 30.43 26.67 21.05
C PRO B 110 30.34 27.53 19.78
N ALA B 111 29.14 27.60 19.19
CA ALA B 111 28.96 28.35 17.94
C ALA B 111 29.40 29.81 18.10
N SER B 112 29.18 30.38 19.29
CA SER B 112 29.52 31.78 19.56
C SER B 112 31.01 32.00 19.78
N SER B 113 31.74 30.92 20.09
CA SER B 113 33.17 31.03 20.35
C SER B 113 33.92 31.63 19.17
N LYS B 114 34.92 32.44 19.46
CA LYS B 114 35.76 33.01 18.41
C LYS B 114 37.12 32.33 18.34
N LEU B 115 37.25 31.18 19.00
CA LEU B 115 38.50 30.44 19.02
C LEU B 115 38.92 30.02 17.62
N ARG B 116 40.21 30.19 17.34
CA ARG B 116 40.85 29.62 16.16
C ARG B 116 41.94 28.74 16.70
N VAL B 117 41.93 27.47 16.32
CA VAL B 117 42.89 26.52 16.83
C VAL B 117 43.35 25.62 15.69
N ASP B 118 44.66 25.48 15.55
CA ASP B 118 45.21 24.43 14.72
C ASP B 118 45.71 23.33 15.67
N PRO B 119 45.07 22.14 15.64
CA PRO B 119 45.42 21.08 16.61
C PRO B 119 46.88 20.61 16.49
N ARG B 120 47.47 20.83 15.30
CA ARG B 120 48.89 20.57 15.01
C ARG B 120 49.88 21.45 15.80
N ALA B 121 49.46 22.67 16.12
CA ALA B 121 50.37 23.62 16.76
C ALA B 121 50.67 23.26 18.23
N PRO B 122 51.95 23.32 18.62
CA PRO B 122 52.32 22.94 19.97
C PRO B 122 51.59 23.80 21.02
N GLY B 123 50.88 23.14 21.91
CA GLY B 123 50.20 23.82 23.02
C GLY B 123 48.92 24.55 22.63
N ALA B 124 48.58 24.54 21.35
CA ALA B 124 47.44 25.30 20.84
C ALA B 124 46.10 24.94 21.48
N ILE B 125 45.82 23.64 21.58
CA ILE B 125 44.55 23.20 22.17
C ILE B 125 44.51 23.61 23.64
N ALA B 126 45.59 23.31 24.36
CA ALA B 126 45.69 23.68 25.77
C ALA B 126 45.53 25.18 25.99
N LYS B 127 46.19 25.97 25.15
CA LYS B 127 46.09 27.43 25.21
C LYS B 127 44.63 27.85 25.05
N ALA B 128 43.93 27.20 24.13
CA ALA B 128 42.56 27.59 23.80
C ALA B 128 41.60 27.23 24.93
N LEU B 129 42.04 26.37 25.84
CA LEU B 129 41.23 26.03 27.01
C LEU B 129 41.18 27.15 28.05
N GLY B 130 42.07 28.13 27.91
CA GLY B 130 42.14 29.22 28.87
C GLY B 130 42.69 28.72 30.18
N GLU B 131 42.41 29.45 31.26
CA GLU B 131 43.00 29.13 32.56
C GLU B 131 42.32 27.93 33.21
N ASN B 132 41.00 27.84 33.06
CA ASN B 132 40.23 26.81 33.76
C ASN B 132 39.45 25.84 32.88
N GLY B 133 39.47 26.08 31.57
CA GLY B 133 38.69 25.28 30.63
C GLY B 133 39.16 23.85 30.56
N ARG B 134 38.23 22.94 30.24
CA ARG B 134 38.58 21.56 29.98
C ARG B 134 38.15 21.21 28.60
N LEU B 135 38.82 20.20 28.05
CA LEU B 135 38.55 19.70 26.72
C LEU B 135 37.56 18.56 26.83
N ALA B 136 36.36 18.75 26.26
CA ALA B 136 35.33 17.75 26.33
C ALA B 136 35.62 16.59 25.40
N VAL B 137 35.73 15.39 25.94
CA VAL B 137 36.07 14.23 25.14
C VAL B 137 35.31 13.06 25.72
N GLY B 138 35.08 12.04 24.91
CA GLY B 138 34.63 10.77 25.47
C GLY B 138 35.70 10.21 26.40
N GLN B 139 35.26 9.47 27.41
CA GLN B 139 36.22 8.78 28.28
C GLN B 139 37.28 8.09 27.41
N THR B 140 38.52 8.48 27.59
CA THR B 140 39.54 8.19 26.58
C THR B 140 39.98 6.73 26.52
N ALA B 141 39.84 6.00 27.63
CA ALA B 141 40.19 4.59 27.63
C ALA B 141 39.10 3.65 27.15
N SER B 142 37.88 4.17 27.02
CA SER B 142 36.73 3.31 26.74
C SER B 142 35.79 3.77 25.64
N VAL B 143 35.37 5.05 25.69
CA VAL B 143 34.40 5.55 24.71
C VAL B 143 35.12 5.65 23.36
N PRO B 144 34.54 5.11 22.27
CA PRO B 144 35.27 5.18 21.00
C PRO B 144 35.74 6.59 20.68
N ALA B 145 34.86 7.60 20.84
CA ALA B 145 35.25 8.96 20.51
C ALA B 145 36.41 9.41 21.36
N GLY B 146 36.46 8.92 22.59
CA GLY B 146 37.53 9.27 23.49
C GLY B 146 38.82 8.63 23.06
N SER B 147 38.72 7.36 22.64
CA SER B 147 39.87 6.60 22.21
C SER B 147 40.42 7.19 20.94
N TYR B 148 39.55 7.51 19.98
CA TYR B 148 40.01 8.16 18.76
C TYR B 148 40.65 9.52 19.10
N ALA B 149 40.03 10.25 20.02
CA ALA B 149 40.53 11.56 20.47
C ALA B 149 41.91 11.43 21.10
N ALA B 150 42.08 10.49 22.03
CA ALA B 150 43.37 10.36 22.71
C ALA B 150 44.42 9.98 21.68
N ALA B 151 44.06 9.09 20.76
CA ALA B 151 44.98 8.71 19.69
C ALA B 151 45.41 9.92 18.86
N ALA B 152 44.45 10.75 18.43
CA ALA B 152 44.76 11.95 17.65
C ALA B 152 45.59 12.93 18.47
N LEU B 153 45.21 13.13 19.72
CA LEU B 153 45.94 14.04 20.60
C LEU B 153 47.39 13.61 20.75
N ARG B 154 47.59 12.29 20.90
CA ARG B 154 48.93 11.72 21.00
C ARG B 154 49.72 11.98 19.72
N LYS B 155 49.09 11.73 18.57
CA LYS B 155 49.77 11.84 17.29
C LYS B 155 50.25 13.24 17.04
N LEU B 156 49.39 14.20 17.36
CA LEU B 156 49.71 15.59 17.15
C LEU B 156 50.59 16.15 18.26
N GLY B 157 50.97 15.30 19.22
CA GLY B 157 51.89 15.68 20.31
C GLY B 157 51.22 16.61 21.32
N GLN B 158 49.91 16.52 21.40
CA GLN B 158 49.15 17.41 22.25
C GLN B 158 48.64 16.72 23.51
N TRP B 159 48.77 15.39 23.55
CA TRP B 159 48.24 14.61 24.66
C TRP B 159 48.68 15.11 26.04
N ASP B 160 49.99 15.27 26.22
CA ASP B 160 50.51 15.70 27.52
C ASP B 160 49.98 17.07 27.96
N SER B 161 49.81 17.98 27.01
CA SER B 161 49.32 19.34 27.29
C SER B 161 47.85 19.38 27.76
N VAL B 162 47.08 18.33 27.48
CA VAL B 162 45.64 18.34 27.79
C VAL B 162 45.18 17.15 28.64
N SER B 163 46.05 16.15 28.85
CA SER B 163 45.63 14.92 29.54
C SER B 163 45.11 15.18 30.96
N ASN B 164 45.64 16.23 31.60
CA ASN B 164 45.16 16.65 32.92
C ASN B 164 44.10 17.76 32.84
N ARG B 165 43.62 18.03 31.62
CA ARG B 165 42.67 19.11 31.38
C ARG B 165 41.44 18.66 30.59
N LEU B 166 41.07 17.40 30.76
CA LEU B 166 39.96 16.81 30.01
C LEU B 166 38.70 16.90 30.82
N ALA B 167 37.57 17.02 30.14
CA ALA B 167 36.27 16.78 30.74
C ALA B 167 35.81 15.49 30.09
N GLU B 168 36.29 14.38 30.65
CA GLU B 168 35.98 13.06 30.10
C GLU B 168 34.53 12.78 30.37
N SER B 169 33.83 12.36 29.32
CA SER B 169 32.39 12.30 29.32
C SER B 169 31.91 10.91 28.96
N GLU B 170 30.68 10.63 29.37
CA GLU B 170 30.21 9.26 29.25
C GLU B 170 29.98 8.79 27.82
N SER B 171 29.88 9.71 26.86
CA SER B 171 29.79 9.33 25.44
C SER B 171 30.24 10.54 24.68
N VAL B 172 30.35 10.38 23.36
CA VAL B 172 30.73 11.50 22.51
C VAL B 172 29.64 12.59 22.57
N ARG B 173 28.40 12.19 22.81
CA ARG B 173 27.29 13.14 22.85
C ARG B 173 27.26 13.88 24.18
N ALA B 174 27.71 13.23 25.25
CA ALA B 174 27.88 13.94 26.52
C ALA B 174 28.94 15.01 26.36
N ALA B 175 30.04 14.71 25.66
CA ALA B 175 31.09 15.67 25.39
C ALA B 175 30.53 16.78 24.54
N LEU B 176 29.76 16.43 23.51
CA LEU B 176 29.16 17.45 22.66
C LEU B 176 28.32 18.41 23.48
N MET B 177 27.53 17.86 24.40
CA MET B 177 26.64 18.70 25.21
C MET B 177 27.44 19.69 26.05
N LEU B 178 28.61 19.28 26.53
CA LEU B 178 29.44 20.21 27.31
C LEU B 178 29.80 21.44 26.49
N VAL B 179 30.09 21.21 25.22
CA VAL B 179 30.54 22.27 24.34
C VAL B 179 29.31 23.07 23.93
N SER B 180 28.25 22.37 23.57
CA SER B 180 27.02 23.02 23.15
C SER B 180 26.52 23.99 24.21
N ARG B 181 26.60 23.55 25.46
CA ARG B 181 26.10 24.32 26.61
C ARG B 181 27.06 25.41 27.03
N GLY B 182 28.22 25.47 26.38
CA GLY B 182 29.25 26.47 26.69
C GLY B 182 30.05 26.16 27.94
N GLU B 183 29.92 24.92 28.43
CA GLU B 183 30.56 24.50 29.68
C GLU B 183 32.00 24.02 29.47
N ALA B 184 32.33 23.74 28.21
CA ALA B 184 33.69 23.41 27.82
C ALA B 184 33.99 24.19 26.58
N PRO B 185 35.15 24.87 26.54
CA PRO B 185 35.44 25.74 25.42
C PRO B 185 35.79 24.98 24.14
N LEU B 186 36.22 23.73 24.30
CA LEU B 186 36.55 22.90 23.13
C LEU B 186 36.10 21.48 23.44
N GLY B 187 35.85 20.71 22.40
CA GLY B 187 35.51 19.32 22.57
C GLY B 187 36.05 18.59 21.37
N ILE B 188 36.18 17.27 21.50
CA ILE B 188 36.53 16.47 20.36
C ILE B 188 35.40 15.49 20.14
N VAL B 189 34.75 15.60 18.99
CA VAL B 189 33.60 14.78 18.67
C VAL B 189 33.73 14.30 17.23
N TYR B 190 32.73 13.58 16.72
CA TYR B 190 32.73 13.20 15.31
C TYR B 190 32.21 14.34 14.44
N GLY B 191 32.64 14.36 13.19
CA GLY B 191 32.10 15.34 12.26
C GLY B 191 30.58 15.29 12.24
N SER B 192 30.01 14.09 12.31
CA SER B 192 28.56 13.99 12.26
C SER B 192 27.93 14.63 13.50
N ASP B 193 28.64 14.60 14.63
CA ASP B 193 28.11 15.24 15.83
C ASP B 193 27.99 16.75 15.63
N ALA B 194 29.02 17.33 15.03
CA ALA B 194 29.00 18.76 14.78
C ALA B 194 27.83 19.08 13.84
N ARG B 195 27.64 18.24 12.82
CA ARG B 195 26.53 18.49 11.91
C ARG B 195 25.20 18.43 12.65
N ALA B 196 25.12 17.55 13.63
CA ALA B 196 23.90 17.36 14.41
C ALA B 196 23.60 18.44 15.43
N ASP B 197 24.50 19.39 15.61
CA ASP B 197 24.26 20.42 16.59
C ASP B 197 24.86 21.73 16.15
N ALA B 198 24.01 22.58 15.57
CA ALA B 198 24.47 23.87 15.02
C ALA B 198 24.93 24.80 16.12
N LYS B 199 24.73 24.39 17.38
CA LYS B 199 25.15 25.23 18.51
C LYS B 199 26.62 25.06 18.84
N VAL B 200 27.29 24.15 18.13
CA VAL B 200 28.73 24.07 18.13
C VAL B 200 29.20 24.39 16.72
N ARG B 201 30.49 24.60 16.58
CA ARG B 201 31.07 24.87 15.29
C ARG B 201 32.37 24.10 15.27
N VAL B 202 32.76 23.70 14.07
CA VAL B 202 34.02 22.99 13.84
C VAL B 202 35.17 23.98 13.79
N VAL B 203 36.05 23.88 14.77
CA VAL B 203 37.23 24.70 14.85
C VAL B 203 38.28 24.10 13.95
N ALA B 204 38.28 22.77 13.85
CA ALA B 204 39.27 22.03 13.07
C ALA B 204 38.89 20.57 12.91
N THR B 205 39.42 19.93 11.86
CA THR B 205 39.26 18.50 11.64
C THR B 205 40.60 17.85 11.89
N PHE B 206 40.60 16.84 12.77
CA PHE B 206 41.79 16.05 12.99
C PHE B 206 42.10 15.26 11.74
N PRO B 207 43.40 15.10 11.41
CA PRO B 207 43.71 14.31 10.22
C PRO B 207 43.14 12.92 10.34
N ASP B 208 42.66 12.35 9.23
CA ASP B 208 42.15 10.97 9.29
C ASP B 208 43.23 10.04 9.80
N ASP B 209 44.48 10.41 9.53
CA ASP B 209 45.65 9.58 9.82
C ASP B 209 46.09 9.66 11.28
N SER B 210 45.48 10.55 12.07
CA SER B 210 45.93 10.77 13.43
C SER B 210 45.29 9.76 14.38
N HIS B 211 44.38 8.97 13.84
CA HIS B 211 43.68 7.99 14.64
C HIS B 211 43.31 6.79 13.75
N ASP B 212 42.91 5.69 14.38
CA ASP B 212 42.36 4.56 13.65
C ASP B 212 41.17 5.06 12.85
N ALA B 213 40.91 4.46 11.68
CA ALA B 213 39.78 4.88 10.87
C ALA B 213 38.57 4.73 11.76
N ILE B 214 37.70 5.72 11.70
CA ILE B 214 36.47 5.64 12.46
C ILE B 214 35.49 4.83 11.66
N VAL B 215 35.18 3.65 12.19
CA VAL B 215 34.35 2.69 11.48
C VAL B 215 33.30 2.19 12.45
N TYR B 216 32.05 2.17 11.99
CA TYR B 216 30.95 1.66 12.78
C TYR B 216 30.54 0.31 12.23
N PRO B 217 30.89 -0.76 12.94
CA PRO B 217 30.39 -2.06 12.56
C PRO B 217 29.00 -2.24 13.09
N VAL B 218 28.19 -3.00 12.37
CA VAL B 218 26.88 -3.38 12.87
C VAL B 218 26.88 -4.89 12.97
N ALA B 219 26.16 -5.41 13.95
CA ALA B 219 26.01 -6.85 14.06
C ALA B 219 24.66 -7.23 14.59
N ALA B 220 24.12 -8.31 14.06
CA ALA B 220 23.05 -9.04 14.72
C ALA B 220 23.72 -9.81 15.88
N LEU B 221 23.17 -9.73 17.09
CA LEU B 221 23.69 -10.55 18.18
C LEU B 221 23.34 -12.00 17.94
N LYS B 222 24.33 -12.86 18.14
CA LYS B 222 24.17 -14.29 17.87
C LYS B 222 22.93 -14.87 18.56
N ASN B 223 22.68 -14.41 19.78
CA ASN B 223 21.61 -14.98 20.59
C ASN B 223 20.23 -14.35 20.36
N SER B 224 20.14 -13.50 19.36
CA SER B 224 18.86 -12.81 19.10
C SER B 224 17.82 -13.79 18.57
N ASN B 225 16.65 -13.84 19.20
CA ASN B 225 15.54 -14.63 18.62
C ASN B 225 14.46 -13.78 17.99
N ASN B 226 14.73 -12.49 17.84
CA ASN B 226 13.75 -11.65 17.18
C ASN B 226 13.78 -11.96 15.70
N PRO B 227 12.61 -12.27 15.11
CA PRO B 227 12.65 -12.68 13.70
C PRO B 227 13.03 -11.58 12.73
N ALA B 228 13.04 -10.33 13.20
CA ALA B 228 13.31 -9.21 12.32
C ALA B 228 14.76 -8.78 12.38
N THR B 229 15.55 -9.43 13.24
CA THR B 229 16.93 -8.95 13.45
C THR B 229 17.74 -8.90 12.16
N ALA B 230 17.81 -10.05 11.48
CA ALA B 230 18.58 -10.07 10.25
C ALA B 230 17.99 -9.10 9.23
N ALA B 231 16.66 -9.08 9.09
CA ALA B 231 15.99 -8.18 8.14
C ALA B 231 16.39 -6.72 8.44
N PHE B 232 16.47 -6.38 9.73
CA PHE B 232 16.82 -5.02 10.06
C PHE B 232 18.25 -4.70 9.73
N VAL B 233 19.17 -5.62 10.04
CA VAL B 233 20.57 -5.39 9.74
C VAL B 233 20.76 -5.25 8.23
N SER B 234 20.08 -6.11 7.48
CA SER B 234 20.16 -6.02 6.03
C SER B 234 19.61 -4.67 5.54
N TRP B 235 18.48 -4.29 6.13
CA TRP B 235 17.84 -3.04 5.77
C TRP B 235 18.79 -1.86 6.03
N LEU B 236 19.59 -1.92 7.09
CA LEU B 236 20.53 -0.85 7.37
C LEU B 236 21.55 -0.60 6.25
N GLY B 237 21.78 -1.61 5.42
CA GLY B 237 22.70 -1.45 4.33
C GLY B 237 22.00 -1.20 3.01
N SER B 238 20.69 -0.98 3.07
CA SER B 238 19.88 -0.77 1.88
C SER B 238 19.89 0.69 1.51
N LYS B 239 19.50 0.98 0.26
CA LYS B 239 19.49 2.35 -0.22
C LYS B 239 18.82 3.39 0.71
N PRO B 240 17.58 3.14 1.15
CA PRO B 240 16.95 4.21 1.92
C PRO B 240 17.63 4.46 3.28
N ALA B 241 18.19 3.41 3.84
CA ALA B 241 18.89 3.52 5.10
C ALA B 241 20.20 4.24 4.90
N LYS B 242 20.92 3.86 3.85
CA LYS B 242 22.17 4.53 3.52
C LYS B 242 21.94 6.02 3.35
N ALA B 243 20.84 6.42 2.72
CA ALA B 243 20.60 7.86 2.52
C ALA B 243 20.49 8.57 3.87
N ILE B 244 19.81 7.93 4.82
CA ILE B 244 19.64 8.52 6.15
C ILE B 244 21.01 8.82 6.74
N PHE B 245 21.89 7.83 6.74
CA PHE B 245 23.19 8.07 7.33
C PHE B 245 24.01 9.05 6.54
N ALA B 246 23.94 8.93 5.22
CA ALA B 246 24.73 9.83 4.38
C ALA B 246 24.29 11.30 4.60
N ARG B 247 22.99 11.51 4.71
CA ARG B 247 22.48 12.88 4.94
C ARG B 247 23.06 13.43 6.21
N ARG B 248 23.27 12.53 7.16
CA ARG B 248 23.71 12.91 8.48
C ARG B 248 25.23 13.08 8.60
N GLY B 249 25.96 12.80 7.52
CA GLY B 249 27.38 13.09 7.48
C GLY B 249 28.25 11.87 7.73
N PHE B 250 27.63 10.70 7.77
CA PHE B 250 28.40 9.46 7.89
C PHE B 250 28.88 9.05 6.51
N SER B 251 30.12 8.60 6.43
CA SER B 251 30.51 7.94 5.19
C SER B 251 29.96 6.53 5.23
N LEU B 252 29.78 5.96 4.03
CA LEU B 252 29.14 4.68 3.93
C LEU B 252 30.19 3.64 3.57
N LYS B 253 30.17 2.50 4.23
CA LYS B 253 31.10 1.45 3.84
C LYS B 253 30.56 0.68 2.63
N THR C 22 -18.31 10.06 4.12
CA THR C 22 -18.41 8.57 4.21
C THR C 22 -17.09 7.95 4.64
N ALA C 23 -17.16 6.91 5.47
CA ALA C 23 -16.00 6.09 5.75
C ALA C 23 -15.56 5.40 4.44
N PRO C 24 -14.40 5.79 3.92
CA PRO C 24 -13.94 5.03 2.76
C PRO C 24 -13.53 3.64 3.19
N VAL C 25 -13.65 2.68 2.29
CA VAL C 25 -13.13 1.33 2.51
C VAL C 25 -11.62 1.44 2.54
N THR C 26 -11.02 1.06 3.66
CA THR C 26 -9.58 1.16 3.81
C THR C 26 -8.95 -0.16 3.34
N VAL C 27 -8.17 -0.10 2.27
CA VAL C 27 -7.62 -1.31 1.68
C VAL C 27 -6.11 -1.29 1.88
N PHE C 28 -5.58 -2.38 2.44
CA PHE C 28 -4.15 -2.58 2.52
C PHE C 28 -3.78 -3.54 1.42
N ALA C 29 -3.00 -3.05 0.46
CA ALA C 29 -2.67 -3.83 -0.74
C ALA C 29 -1.18 -3.95 -0.95
N ALA C 30 -0.74 -5.18 -1.25
CA ALA C 30 0.64 -5.50 -1.60
C ALA C 30 1.18 -4.45 -2.57
N ALA C 31 2.46 -4.12 -2.41
CA ALA C 31 3.10 -3.08 -3.18
C ALA C 31 2.93 -3.23 -4.68
N SER C 32 2.95 -4.49 -5.15
CA SER C 32 2.81 -4.76 -6.60
C SER C 32 1.44 -4.36 -7.14
N LEU C 33 0.51 -4.05 -6.25
CA LEU C 33 -0.84 -3.72 -6.69
C LEU C 33 -1.04 -2.23 -6.85
N LYS C 34 0.03 -1.45 -6.74
CA LYS C 34 -0.07 0.01 -6.79
C LYS C 34 -1.01 0.54 -7.85
N GLU C 35 -0.68 0.32 -9.11
CA GLU C 35 -1.46 1.00 -10.17
C GLU C 35 -2.82 0.38 -10.35
N SER C 36 -2.86 -0.93 -10.27
CA SER C 36 -4.10 -1.67 -10.47
C SER C 36 -5.11 -1.34 -9.37
N MET C 37 -4.67 -1.31 -8.13
CA MET C 37 -5.60 -1.04 -7.05
C MET C 37 -5.91 0.44 -6.97
N ASP C 38 -4.99 1.30 -7.39
CA ASP C 38 -5.36 2.69 -7.50
C ASP C 38 -6.49 2.82 -8.50
N GLU C 39 -6.33 2.18 -9.65
CA GLU C 39 -7.38 2.26 -10.68
C GLU C 39 -8.67 1.63 -10.19
N ALA C 40 -8.57 0.50 -9.51
CA ALA C 40 -9.74 -0.18 -9.01
C ALA C 40 -10.47 0.65 -7.94
N ALA C 41 -9.72 1.31 -7.07
CA ALA C 41 -10.31 2.17 -6.04
C ALA C 41 -11.14 3.29 -6.66
N THR C 42 -10.56 3.94 -7.66
CA THR C 42 -11.26 5.01 -8.34
C THR C 42 -12.48 4.45 -9.04
N ALA C 43 -12.32 3.30 -9.66
CA ALA C 43 -13.42 2.69 -10.43
C ALA C 43 -14.55 2.31 -9.49
N TYR C 44 -14.19 1.77 -8.32
CA TYR C 44 -15.20 1.35 -7.38
C TYR C 44 -16.06 2.52 -6.96
N GLU C 45 -15.42 3.65 -6.69
CA GLU C 45 -16.16 4.80 -6.20
C GLU C 45 -17.08 5.31 -7.31
N LYS C 46 -16.60 5.25 -8.56
CA LYS C 46 -17.43 5.66 -9.68
C LYS C 46 -18.63 4.74 -9.83
N ALA C 47 -18.40 3.43 -9.61
CA ALA C 47 -19.43 2.42 -9.80
C ALA C 47 -20.45 2.41 -8.67
N THR C 48 -20.02 2.79 -7.46
CA THR C 48 -20.85 2.56 -6.26
C THR C 48 -21.07 3.79 -5.39
N GLY C 49 -20.31 4.84 -5.61
CA GLY C 49 -20.35 5.98 -4.74
C GLY C 49 -19.59 5.75 -3.44
N THR C 50 -18.99 4.58 -3.28
CA THR C 50 -18.23 4.31 -2.08
C THR C 50 -16.75 4.61 -2.28
N PRO C 51 -16.22 5.57 -1.51
CA PRO C 51 -14.80 5.90 -1.66
C PRO C 51 -13.93 4.79 -1.11
N VAL C 52 -12.75 4.61 -1.71
CA VAL C 52 -11.83 3.58 -1.30
C VAL C 52 -10.50 4.26 -1.08
N ARG C 53 -9.84 3.97 0.05
CA ARG C 53 -8.50 4.49 0.31
C ARG C 53 -7.53 3.32 0.41
N VAL C 54 -6.48 3.36 -0.40
CA VAL C 54 -5.56 2.24 -0.45
C VAL C 54 -4.19 2.65 0.08
N SER C 55 -3.62 1.77 0.90
CA SER C 55 -2.29 1.91 1.43
C SER C 55 -1.47 0.75 0.90
N TYR C 56 -0.24 1.03 0.46
CA TYR C 56 0.62 0.01 -0.13
C TYR C 56 1.87 -0.16 0.69
N ALA C 57 2.34 -1.39 0.71
CA ALA C 57 3.64 -1.74 1.30
C ALA C 57 3.86 -3.19 0.95
N ALA C 58 5.00 -3.72 1.36
CA ALA C 58 5.20 -5.16 1.28
C ALA C 58 4.03 -5.82 2.02
N SER C 59 3.59 -6.97 1.50
CA SER C 59 2.46 -7.67 2.12
C SER C 59 2.72 -7.95 3.58
N SER C 60 3.98 -8.21 3.91
CA SER C 60 4.38 -8.46 5.28
C SER C 60 4.14 -7.28 6.20
N ALA C 61 4.51 -6.08 5.74
CA ALA C 61 4.37 -4.88 6.51
C ALA C 61 2.90 -4.62 6.76
N LEU C 62 2.09 -4.80 5.73
CA LEU C 62 0.66 -4.56 5.89
C LEU C 62 0.05 -5.56 6.87
N ALA C 63 0.41 -6.83 6.74
CA ALA C 63 -0.10 -7.86 7.63
C ALA C 63 0.28 -7.52 9.08
N ARG C 64 1.55 -7.18 9.30
CA ARG C 64 2.00 -6.78 10.64
C ARG C 64 1.24 -5.57 11.17
N GLN C 65 1.00 -4.59 10.30
CA GLN C 65 0.31 -3.36 10.73
C GLN C 65 -1.12 -3.71 11.16
N ILE C 66 -1.75 -4.59 10.41
CA ILE C 66 -3.12 -5.00 10.71
C ILE C 66 -3.11 -5.72 12.05
N GLU C 67 -2.18 -6.66 12.21
CA GLU C 67 -2.03 -7.44 13.45
C GLU C 67 -1.84 -6.55 14.66
N GLN C 68 -1.12 -5.43 14.48
CA GLN C 68 -0.91 -4.47 15.57
C GLN C 68 -2.08 -3.48 15.68
N GLY C 69 -3.11 -3.68 14.87
CA GLY C 69 -4.37 -2.95 15.03
C GLY C 69 -4.66 -1.82 14.06
N ALA C 70 -3.96 -1.77 12.93
CA ALA C 70 -4.30 -0.74 11.94
C ALA C 70 -5.75 -0.94 11.49
N PRO C 71 -6.53 0.15 11.44
CA PRO C 71 -7.97 0.10 11.12
C PRO C 71 -8.29 -0.23 9.65
N ALA C 72 -7.70 -1.29 9.12
CA ALA C 72 -7.91 -1.65 7.73
C ALA C 72 -9.23 -2.40 7.55
N ASP C 73 -9.84 -2.24 6.39
CA ASP C 73 -11.06 -3.00 6.08
C ASP C 73 -10.79 -4.21 5.21
N VAL C 74 -9.84 -4.06 4.28
CA VAL C 74 -9.56 -5.09 3.29
C VAL C 74 -8.05 -5.27 3.19
N PHE C 75 -7.62 -6.52 3.05
CA PHE C 75 -6.21 -6.81 2.83
C PHE C 75 -6.04 -7.64 1.57
N LEU C 76 -5.10 -7.24 0.73
CA LEU C 76 -4.68 -8.06 -0.39
C LEU C 76 -3.22 -8.32 -0.26
N SER C 77 -2.90 -9.61 -0.16
CA SER C 77 -1.53 -10.08 -0.03
C SER C 77 -1.01 -10.56 -1.36
N ALA C 78 0.29 -10.43 -1.53
CA ALA C 78 0.96 -11.00 -2.70
C ALA C 78 1.32 -12.47 -2.48
N ASP C 79 1.01 -12.98 -1.29
CA ASP C 79 1.13 -14.42 -1.09
C ASP C 79 0.09 -14.95 -0.13
N LEU C 80 -0.05 -16.27 -0.12
CA LEU C 80 -0.92 -16.90 0.86
C LEU C 80 -0.40 -16.77 2.29
N GLU C 81 0.93 -16.78 2.47
CA GLU C 81 1.55 -16.80 3.80
C GLU C 81 1.10 -15.68 4.71
N TRP C 82 1.07 -14.45 4.19
CA TRP C 82 0.70 -13.33 5.04
C TRP C 82 -0.79 -13.26 5.37
N MET C 83 -1.61 -13.84 4.49
CA MET C 83 -3.03 -13.95 4.74
C MET C 83 -3.26 -15.02 5.81
N ASP C 84 -2.55 -16.14 5.66
CA ASP C 84 -2.50 -17.20 6.68
C ASP C 84 -2.12 -16.66 8.04
N TYR C 85 -1.08 -15.82 8.05
CA TYR C 85 -0.63 -15.15 9.25
C TYR C 85 -1.78 -14.41 9.92
N LEU C 86 -2.56 -13.68 9.14
CA LEU C 86 -3.68 -12.91 9.70
C LEU C 86 -4.80 -13.83 10.19
N GLN C 87 -5.03 -14.91 9.44
CA GLN C 87 -6.03 -15.90 9.83
C GLN C 87 -5.68 -16.50 11.18
N GLN C 88 -4.41 -16.86 11.35
CA GLN C 88 -3.92 -17.45 12.61
C GLN C 88 -4.04 -16.50 13.80
N HIS C 89 -3.90 -15.20 13.54
CA HIS C 89 -4.07 -14.22 14.61
C HIS C 89 -5.52 -13.81 14.79
N GLY C 90 -6.40 -14.54 14.10
CA GLY C 90 -7.84 -14.36 14.20
C GLY C 90 -8.36 -13.06 13.61
N LEU C 91 -7.61 -12.49 12.67
CA LEU C 91 -7.96 -11.21 12.08
C LEU C 91 -8.66 -11.39 10.74
N VAL C 92 -8.46 -12.56 10.15
CA VAL C 92 -9.15 -12.97 8.93
C VAL C 92 -9.85 -14.32 9.13
N LEU C 93 -11.15 -14.35 8.86
CA LEU C 93 -11.92 -15.60 8.83
C LEU C 93 -11.79 -16.25 7.47
N PRO C 94 -11.64 -17.59 7.42
CA PRO C 94 -11.41 -18.30 6.15
C PRO C 94 -12.54 -18.10 5.15
N ALA C 95 -13.76 -17.91 5.65
CA ALA C 95 -14.94 -17.66 4.81
C ALA C 95 -14.82 -16.31 4.10
N GLN C 96 -14.07 -15.39 4.69
CA GLN C 96 -13.96 -14.02 4.17
C GLN C 96 -12.73 -13.81 3.27
N ARG C 97 -12.02 -14.88 2.95
CA ARG C 97 -10.84 -14.77 2.12
C ARG C 97 -10.98 -15.59 0.86
N HIS C 98 -10.34 -15.11 -0.20
CA HIS C 98 -10.24 -15.88 -1.41
C HIS C 98 -9.21 -15.35 -2.37
N ASN C 99 -8.74 -16.26 -3.21
CA ASN C 99 -7.69 -15.99 -4.15
C ASN C 99 -8.21 -15.23 -5.34
N LEU C 100 -7.58 -14.08 -5.58
CA LEU C 100 -8.06 -13.16 -6.58
C LEU C 100 -7.22 -13.13 -7.84
N LEU C 101 -5.88 -13.12 -7.67
CA LEU C 101 -5.00 -12.88 -8.78
C LEU C 101 -3.80 -13.80 -8.73
N GLY C 102 -3.14 -13.90 -9.87
CA GLY C 102 -1.85 -14.54 -9.95
C GLY C 102 -0.86 -13.69 -10.71
N ASN C 103 0.39 -14.14 -10.70
CA ASN C 103 1.41 -13.39 -11.32
C ASN C 103 2.51 -14.33 -11.76
N THR C 104 3.40 -13.82 -12.59
CA THR C 104 4.62 -14.52 -12.94
C THR C 104 5.78 -13.90 -12.18
N LEU C 105 6.87 -14.66 -12.10
CA LEU C 105 8.12 -14.15 -11.54
C LEU C 105 9.09 -13.93 -12.68
N VAL C 106 9.60 -12.71 -12.78
CA VAL C 106 10.52 -12.38 -13.85
C VAL C 106 11.86 -11.91 -13.29
N LEU C 107 12.88 -12.15 -14.09
CA LEU C 107 14.19 -11.56 -13.90
C LEU C 107 14.23 -10.34 -14.80
N VAL C 108 14.54 -9.20 -14.22
CA VAL C 108 14.59 -7.95 -14.95
C VAL C 108 15.95 -7.28 -14.88
N ALA C 109 16.20 -6.40 -15.84
CA ALA C 109 17.41 -5.60 -15.92
C ALA C 109 17.00 -4.22 -16.37
N PRO C 110 17.89 -3.22 -16.22
CA PRO C 110 17.52 -1.91 -16.76
C PRO C 110 17.25 -2.00 -18.26
N ALA C 111 16.37 -1.16 -18.78
CA ALA C 111 15.91 -1.23 -20.17
C ALA C 111 17.06 -1.34 -21.19
N SER C 112 18.15 -0.62 -20.92
CA SER C 112 19.32 -0.58 -21.82
C SER C 112 20.24 -1.80 -21.68
N SER C 113 19.95 -2.69 -20.74
CA SER C 113 20.83 -3.84 -20.50
C SER C 113 20.85 -4.79 -21.69
N LYS C 114 22.06 -5.10 -22.14
CA LYS C 114 22.25 -6.05 -23.24
C LYS C 114 22.45 -7.46 -22.69
N LEU C 115 22.29 -7.60 -21.37
CA LEU C 115 22.38 -8.90 -20.71
C LEU C 115 21.43 -9.91 -21.32
N ARG C 116 21.94 -11.11 -21.53
CA ARG C 116 21.10 -12.27 -21.81
C ARG C 116 21.36 -13.32 -20.73
N VAL C 117 20.32 -13.65 -19.98
CA VAL C 117 20.44 -14.59 -18.88
C VAL C 117 19.37 -15.67 -18.99
N ASP C 118 19.82 -16.91 -19.02
CA ASP C 118 18.94 -18.04 -18.87
C ASP C 118 18.99 -18.45 -17.40
N PRO C 119 17.93 -18.14 -16.64
CA PRO C 119 17.89 -18.42 -15.20
C PRO C 119 18.04 -19.91 -14.90
N ARG C 120 17.80 -20.74 -15.91
CA ARG C 120 17.98 -22.19 -15.79
C ARG C 120 19.44 -22.60 -15.90
N ALA C 121 20.26 -21.77 -16.56
CA ALA C 121 21.67 -22.07 -16.73
C ALA C 121 22.42 -21.92 -15.41
N PRO C 122 23.13 -23.00 -14.98
CA PRO C 122 23.87 -23.02 -13.71
C PRO C 122 24.83 -21.84 -13.54
N GLY C 123 24.72 -21.17 -12.39
CA GLY C 123 25.54 -19.99 -12.07
C GLY C 123 25.30 -18.75 -12.92
N ALA C 124 24.26 -18.76 -13.75
CA ALA C 124 24.07 -17.70 -14.75
C ALA C 124 23.70 -16.35 -14.14
N ILE C 125 22.77 -16.35 -13.20
CA ILE C 125 22.36 -15.10 -12.53
C ILE C 125 23.55 -14.51 -11.75
N ALA C 126 24.22 -15.32 -10.93
CA ALA C 126 25.40 -14.88 -10.20
C ALA C 126 26.42 -14.27 -11.13
N LYS C 127 26.71 -14.96 -12.24
CA LYS C 127 27.66 -14.45 -13.23
C LYS C 127 27.19 -13.10 -13.81
N ALA C 128 25.91 -13.02 -14.13
CA ALA C 128 25.35 -11.80 -14.73
C ALA C 128 25.37 -10.58 -13.80
N LEU C 129 25.52 -10.79 -12.49
CA LEU C 129 25.70 -9.68 -11.55
C LEU C 129 27.04 -8.98 -11.76
N GLY C 130 27.91 -9.61 -12.56
CA GLY C 130 29.23 -9.06 -12.88
C GLY C 130 30.12 -8.95 -11.66
N GLU C 131 30.96 -7.93 -11.63
CA GLU C 131 31.97 -7.79 -10.58
C GLU C 131 31.38 -7.39 -9.24
N ASN C 132 30.58 -6.34 -9.23
CA ASN C 132 30.09 -5.81 -7.97
C ASN C 132 28.59 -5.68 -7.91
N GLY C 133 27.91 -6.21 -8.92
CA GLY C 133 26.46 -6.11 -8.99
C GLY C 133 25.75 -6.80 -7.86
N ARG C 134 24.59 -6.27 -7.50
CA ARG C 134 23.72 -6.91 -6.53
C ARG C 134 22.41 -7.27 -7.23
N LEU C 135 21.75 -8.30 -6.73
CA LEU C 135 20.49 -8.74 -7.32
C LEU C 135 19.39 -8.08 -6.52
N ALA C 136 18.62 -7.18 -7.14
CA ALA C 136 17.52 -6.49 -6.44
C ALA C 136 16.37 -7.46 -6.24
N VAL C 137 15.99 -7.65 -4.98
CA VAL C 137 14.90 -8.52 -4.61
C VAL C 137 14.14 -7.88 -3.45
N GLY C 138 12.88 -8.26 -3.26
CA GLY C 138 12.21 -8.01 -1.99
C GLY C 138 12.97 -8.71 -0.87
N GLN C 139 12.95 -8.14 0.34
CA GLN C 139 13.60 -8.76 1.51
C GLN C 139 13.07 -10.18 1.55
N THR C 140 13.97 -11.16 1.47
CA THR C 140 13.52 -12.52 1.15
C THR C 140 12.74 -13.21 2.25
N ALA C 141 12.97 -12.80 3.49
CA ALA C 141 12.31 -13.47 4.61
C ALA C 141 10.85 -13.09 4.72
N SER C 142 10.51 -11.88 4.28
CA SER C 142 9.18 -11.31 4.55
C SER C 142 8.41 -10.84 3.31
N VAL C 143 9.08 -10.14 2.40
CA VAL C 143 8.40 -9.62 1.19
C VAL C 143 8.03 -10.78 0.27
N PRO C 144 6.73 -10.98 -0.01
CA PRO C 144 6.40 -12.12 -0.85
C PRO C 144 7.27 -12.25 -2.11
N ALA C 145 7.49 -11.16 -2.85
CA ALA C 145 8.30 -11.26 -4.07
C ALA C 145 9.69 -11.77 -3.75
N GLY C 146 10.21 -11.39 -2.59
CA GLY C 146 11.53 -11.86 -2.20
C GLY C 146 11.54 -13.34 -1.87
N SER C 147 10.48 -13.79 -1.21
CA SER C 147 10.34 -15.19 -0.82
C SER C 147 10.15 -16.09 -2.04
N TYR C 148 9.31 -15.64 -2.99
CA TYR C 148 9.17 -16.30 -4.28
C TYR C 148 10.49 -16.31 -5.03
N ALA C 149 11.24 -15.21 -4.93
CA ALA C 149 12.52 -15.10 -5.63
C ALA C 149 13.52 -16.08 -5.04
N ALA C 150 13.56 -16.14 -3.70
CA ALA C 150 14.46 -17.05 -2.96
C ALA C 150 14.11 -18.48 -3.33
N ALA C 151 12.80 -18.79 -3.27
CA ALA C 151 12.29 -20.11 -3.61
C ALA C 151 12.76 -20.53 -4.98
N ALA C 152 12.55 -19.66 -5.97
CA ALA C 152 13.00 -19.93 -7.33
C ALA C 152 14.51 -20.14 -7.38
N LEU C 153 15.25 -19.27 -6.70
CA LEU C 153 16.72 -19.36 -6.67
C LEU C 153 17.21 -20.66 -6.03
N ARG C 154 16.60 -21.04 -4.91
CA ARG C 154 16.93 -22.29 -4.21
C ARG C 154 16.54 -23.52 -5.01
N LYS C 155 15.34 -23.50 -5.59
CA LYS C 155 14.87 -24.64 -6.40
C LYS C 155 15.68 -24.78 -7.67
N LEU C 156 16.16 -23.66 -8.19
CA LEU C 156 17.09 -23.72 -9.31
C LEU C 156 18.53 -23.95 -8.82
N GLY C 157 18.67 -24.16 -7.51
CA GLY C 157 19.98 -24.41 -6.88
C GLY C 157 20.97 -23.25 -6.97
N GLN C 158 20.44 -22.04 -7.13
CA GLN C 158 21.25 -20.84 -7.37
C GLN C 158 21.28 -19.87 -6.18
N TRP C 159 20.57 -20.19 -5.10
CA TRP C 159 20.46 -19.31 -3.95
C TRP C 159 21.80 -18.99 -3.29
N ASP C 160 22.54 -20.04 -2.95
CA ASP C 160 23.84 -19.87 -2.30
C ASP C 160 24.76 -18.92 -3.09
N SER C 161 24.74 -19.01 -4.43
CA SER C 161 25.61 -18.18 -5.24
C SER C 161 25.28 -16.69 -5.18
N VAL C 162 24.04 -16.36 -4.84
CA VAL C 162 23.61 -14.95 -4.82
C VAL C 162 23.18 -14.44 -3.45
N SER C 163 23.03 -15.34 -2.47
CA SER C 163 22.46 -14.95 -1.17
C SER C 163 23.23 -13.83 -0.49
N ASN C 164 24.53 -13.76 -0.76
CA ASN C 164 25.33 -12.67 -0.20
C ASN C 164 25.47 -11.47 -1.10
N ARG C 165 24.78 -11.49 -2.23
CA ARG C 165 24.90 -10.43 -3.22
C ARG C 165 23.54 -9.88 -3.58
N LEU C 166 22.65 -9.88 -2.61
CA LEU C 166 21.30 -9.32 -2.80
C LEU C 166 21.28 -7.85 -2.48
N ALA C 167 20.43 -7.12 -3.20
CA ALA C 167 20.01 -5.79 -2.79
C ALA C 167 18.57 -5.94 -2.27
N GLU C 168 18.44 -6.47 -1.07
CA GLU C 168 17.14 -6.70 -0.45
C GLU C 168 16.44 -5.40 -0.20
N SER C 169 15.22 -5.34 -0.72
CA SER C 169 14.46 -4.09 -0.76
C SER C 169 13.16 -4.23 -0.02
N GLU C 170 12.57 -3.09 0.33
CA GLU C 170 11.44 -3.07 1.26
C GLU C 170 10.19 -3.73 0.67
N SER C 171 10.12 -3.75 -0.65
CA SER C 171 8.99 -4.37 -1.34
C SER C 171 9.48 -4.74 -2.72
N VAL C 172 8.62 -5.39 -3.49
CA VAL C 172 9.00 -5.72 -4.85
C VAL C 172 9.19 -4.46 -5.71
N ARG C 173 8.44 -3.42 -5.35
CA ARG C 173 8.50 -2.19 -6.11
C ARG C 173 9.76 -1.41 -5.79
N ALA C 174 10.23 -1.51 -4.54
CA ALA C 174 11.53 -0.92 -4.19
C ALA C 174 12.64 -1.67 -4.94
N ALA C 175 12.50 -2.99 -5.08
CA ALA C 175 13.46 -3.76 -5.89
C ALA C 175 13.41 -3.30 -7.33
N LEU C 176 12.19 -3.14 -7.84
CA LEU C 176 12.00 -2.67 -9.20
C LEU C 176 12.73 -1.36 -9.44
N MET C 177 12.58 -0.45 -8.49
CA MET C 177 13.14 0.87 -8.55
C MET C 177 14.66 0.80 -8.67
N LEU C 178 15.28 -0.12 -7.94
CA LEU C 178 16.74 -0.26 -8.01
C LEU C 178 17.18 -0.58 -9.43
N VAL C 179 16.44 -1.48 -10.06
CA VAL C 179 16.74 -1.89 -11.42
C VAL C 179 16.46 -0.74 -12.39
N SER C 180 15.29 -0.11 -12.22
CA SER C 180 14.88 1.02 -13.03
C SER C 180 15.93 2.12 -13.02
N ARG C 181 16.47 2.41 -11.85
CA ARG C 181 17.48 3.46 -11.73
C ARG C 181 18.87 2.98 -12.13
N GLY C 182 19.00 1.72 -12.54
CA GLY C 182 20.27 1.16 -12.99
C GLY C 182 21.22 0.80 -11.87
N GLU C 183 20.71 0.79 -10.64
CA GLU C 183 21.49 0.57 -9.43
C GLU C 183 21.67 -0.90 -9.07
N ALA C 184 20.92 -1.75 -9.75
CA ALA C 184 21.15 -3.17 -9.69
C ALA C 184 21.06 -3.66 -11.14
N PRO C 185 22.03 -4.48 -11.58
CA PRO C 185 22.03 -4.95 -12.96
C PRO C 185 20.90 -5.93 -13.25
N LEU C 186 20.43 -6.58 -12.20
CA LEU C 186 19.38 -7.56 -12.30
C LEU C 186 18.50 -7.47 -11.08
N GLY C 187 17.26 -7.86 -11.26
CA GLY C 187 16.32 -7.93 -10.16
C GLY C 187 15.29 -9.01 -10.43
N ILE C 188 14.63 -9.43 -9.36
CA ILE C 188 13.53 -10.37 -9.49
C ILE C 188 12.28 -9.68 -9.00
N VAL C 189 11.34 -9.53 -9.92
CA VAL C 189 10.07 -8.89 -9.62
C VAL C 189 8.98 -9.71 -10.27
N TYR C 190 7.73 -9.24 -10.18
CA TYR C 190 6.64 -9.89 -10.88
C TYR C 190 6.56 -9.40 -12.30
N GLY C 191 6.00 -10.25 -13.17
CA GLY C 191 5.74 -9.85 -14.54
C GLY C 191 5.02 -8.52 -14.58
N SER C 192 4.05 -8.36 -13.67
CA SER C 192 3.22 -7.14 -13.69
C SER C 192 4.06 -5.92 -13.33
N ASP C 193 5.04 -6.13 -12.46
CA ASP C 193 5.96 -5.06 -12.10
C ASP C 193 6.75 -4.59 -13.29
N ALA C 194 7.27 -5.54 -14.07
CA ALA C 194 8.01 -5.19 -15.27
C ALA C 194 7.11 -4.39 -16.21
N ARG C 195 5.88 -4.83 -16.34
CA ARG C 195 4.94 -4.13 -17.23
C ARG C 195 4.71 -2.69 -16.75
N ALA C 196 4.73 -2.51 -15.42
CA ALA C 196 4.50 -1.21 -14.78
C ALA C 196 5.68 -0.24 -14.90
N ASP C 197 6.81 -0.70 -15.40
CA ASP C 197 7.92 0.22 -15.54
C ASP C 197 8.76 -0.09 -16.76
N ALA C 198 8.53 0.70 -17.80
CA ALA C 198 9.23 0.55 -19.08
C ALA C 198 10.73 0.80 -18.98
N LYS C 199 11.18 1.33 -17.84
CA LYS C 199 12.62 1.56 -17.62
C LYS C 199 13.38 0.29 -17.27
N VAL C 200 12.66 -0.81 -17.07
CA VAL C 200 13.27 -2.14 -16.97
C VAL C 200 12.83 -2.98 -18.16
N ARG C 201 13.56 -4.06 -18.41
CA ARG C 201 13.20 -5.03 -19.43
C ARG C 201 13.22 -6.40 -18.79
N VAL C 202 12.41 -7.30 -19.31
CA VAL C 202 12.38 -8.66 -18.82
C VAL C 202 13.51 -9.45 -19.49
N VAL C 203 14.41 -9.98 -18.67
CA VAL C 203 15.56 -10.73 -19.16
C VAL C 203 15.15 -12.19 -19.33
N ALA C 204 14.33 -12.66 -18.40
CA ALA C 204 13.75 -14.00 -18.45
C ALA C 204 12.55 -14.10 -17.51
N THR C 205 11.72 -15.10 -17.75
CA THR C 205 10.67 -15.45 -16.82
C THR C 205 11.09 -16.73 -16.12
N PHE C 206 10.96 -16.76 -14.80
CA PHE C 206 11.22 -17.98 -14.05
C PHE C 206 10.14 -19.00 -14.34
N PRO C 207 10.53 -20.27 -14.52
CA PRO C 207 9.52 -21.32 -14.70
C PRO C 207 8.53 -21.27 -13.56
N ASP C 208 7.25 -21.52 -13.85
CA ASP C 208 6.23 -21.38 -12.83
C ASP C 208 6.42 -22.34 -11.66
N ASP C 209 7.05 -23.49 -11.92
CA ASP C 209 7.24 -24.53 -10.90
C ASP C 209 8.38 -24.26 -9.92
N SER C 210 9.23 -23.28 -10.23
CA SER C 210 10.40 -22.96 -9.40
C SER C 210 10.04 -22.32 -8.06
N HIS C 211 8.81 -21.83 -7.96
CA HIS C 211 8.31 -21.23 -6.75
C HIS C 211 6.89 -21.68 -6.54
N ASP C 212 6.36 -21.46 -5.33
CA ASP C 212 4.92 -21.60 -5.11
C ASP C 212 4.20 -20.70 -6.09
N ALA C 213 3.01 -21.12 -6.53
CA ALA C 213 2.21 -20.28 -7.41
C ALA C 213 2.10 -18.91 -6.78
N ILE C 214 2.28 -17.88 -7.59
CA ILE C 214 2.09 -16.52 -7.11
C ILE C 214 0.59 -16.25 -7.10
N VAL C 215 0.07 -16.14 -5.89
CA VAL C 215 -1.35 -16.02 -5.68
C VAL C 215 -1.61 -14.85 -4.72
N TYR C 216 -2.53 -13.97 -5.11
CA TYR C 216 -2.93 -12.86 -4.25
C TYR C 216 -4.29 -13.13 -3.63
N PRO C 217 -4.31 -13.47 -2.35
CA PRO C 217 -5.60 -13.55 -1.70
C PRO C 217 -6.11 -12.18 -1.23
N VAL C 218 -7.42 -12.01 -1.31
CA VAL C 218 -8.06 -10.83 -0.74
C VAL C 218 -8.94 -11.29 0.39
N ALA C 219 -9.08 -10.46 1.42
CA ALA C 219 -9.98 -10.75 2.51
C ALA C 219 -10.57 -9.50 3.08
N ALA C 220 -11.84 -9.60 3.47
CA ALA C 220 -12.43 -8.64 4.35
C ALA C 220 -11.86 -8.93 5.73
N LEU C 221 -11.48 -7.88 6.45
CA LEU C 221 -10.96 -8.06 7.80
C LEU C 221 -12.09 -8.29 8.79
N LYS C 222 -11.88 -9.24 9.68
CA LYS C 222 -12.89 -9.64 10.64
C LYS C 222 -13.38 -8.43 11.44
N ASN C 223 -12.47 -7.56 11.83
CA ASN C 223 -12.82 -6.38 12.62
C ASN C 223 -13.32 -5.17 11.82
N SER C 224 -13.51 -5.34 10.51
CA SER C 224 -13.95 -4.20 9.68
C SER C 224 -15.33 -3.73 10.12
N ASN C 225 -15.45 -2.42 10.34
CA ASN C 225 -16.73 -1.81 10.67
C ASN C 225 -17.27 -1.02 9.47
N ASN C 226 -16.70 -1.26 8.29
CA ASN C 226 -17.17 -0.56 7.10
C ASN C 226 -18.28 -1.37 6.46
N PRO C 227 -19.47 -0.76 6.33
CA PRO C 227 -20.59 -1.47 5.72
C PRO C 227 -20.34 -1.92 4.27
N ALA C 228 -19.38 -1.29 3.60
CA ALA C 228 -19.11 -1.59 2.18
C ALA C 228 -18.00 -2.61 1.93
N THR C 229 -17.40 -3.11 3.01
CA THR C 229 -16.25 -4.00 2.89
C THR C 229 -16.52 -5.23 2.04
N ALA C 230 -17.53 -6.01 2.41
CA ALA C 230 -17.89 -7.21 1.68
C ALA C 230 -18.18 -6.90 0.21
N ALA C 231 -18.92 -5.82 0.00
CA ALA C 231 -19.30 -5.37 -1.34
C ALA C 231 -18.06 -5.08 -2.19
N PHE C 232 -17.08 -4.38 -1.62
CA PHE C 232 -15.87 -4.06 -2.38
C PHE C 232 -15.11 -5.33 -2.72
N VAL C 233 -14.99 -6.22 -1.74
CA VAL C 233 -14.25 -7.48 -1.98
C VAL C 233 -14.89 -8.29 -3.10
N SER C 234 -16.22 -8.43 -3.04
CA SER C 234 -16.96 -9.10 -4.09
C SER C 234 -16.74 -8.46 -5.45
N TRP C 235 -16.81 -7.14 -5.47
CA TRP C 235 -16.69 -6.38 -6.69
C TRP C 235 -15.34 -6.61 -7.34
N LEU C 236 -14.30 -6.82 -6.53
CA LEU C 236 -12.98 -7.10 -7.11
C LEU C 236 -13.02 -8.31 -8.04
N GLY C 237 -14.01 -9.19 -7.84
CA GLY C 237 -14.19 -10.33 -8.71
C GLY C 237 -15.15 -10.13 -9.88
N SER C 238 -15.68 -8.93 -10.03
CA SER C 238 -16.59 -8.65 -11.14
C SER C 238 -15.82 -8.33 -12.42
N LYS C 239 -16.51 -8.42 -13.55
CA LYS C 239 -15.90 -8.19 -14.86
C LYS C 239 -15.04 -6.91 -14.96
N PRO C 240 -15.62 -5.74 -14.62
CA PRO C 240 -14.81 -4.55 -14.83
C PRO C 240 -13.60 -4.42 -13.92
N ALA C 241 -13.69 -4.99 -12.72
CA ALA C 241 -12.55 -5.00 -11.80
C ALA C 241 -11.49 -5.99 -12.28
N LYS C 242 -11.92 -7.20 -12.64
CA LYS C 242 -10.99 -8.17 -13.24
C LYS C 242 -10.26 -7.60 -14.46
N ALA C 243 -10.94 -6.78 -15.25
CA ALA C 243 -10.35 -6.23 -16.46
C ALA C 243 -9.16 -5.32 -16.15
N ILE C 244 -9.24 -4.61 -15.03
CA ILE C 244 -8.18 -3.71 -14.61
C ILE C 244 -6.93 -4.53 -14.37
N PHE C 245 -7.08 -5.58 -13.57
CA PHE C 245 -5.93 -6.40 -13.23
C PHE C 245 -5.41 -7.14 -14.44
N ALA C 246 -6.34 -7.62 -15.27
CA ALA C 246 -5.93 -8.29 -16.50
C ALA C 246 -5.12 -7.38 -17.40
N ARG C 247 -5.55 -6.14 -17.60
CA ARG C 247 -4.81 -5.20 -18.42
C ARG C 247 -3.41 -5.01 -17.85
N ARG C 248 -3.29 -5.16 -16.54
CA ARG C 248 -2.03 -4.84 -15.91
C ARG C 248 -1.10 -6.03 -15.78
N GLY C 249 -1.49 -7.16 -16.35
CA GLY C 249 -0.59 -8.30 -16.41
C GLY C 249 -0.79 -9.32 -15.32
N PHE C 250 -1.81 -9.15 -14.47
CA PHE C 250 -2.15 -10.18 -13.50
C PHE C 250 -2.98 -11.23 -14.18
N SER C 251 -2.78 -12.50 -13.81
CA SER C 251 -3.75 -13.54 -14.17
C SER C 251 -4.91 -13.49 -13.18
N LEU C 252 -6.08 -13.96 -13.60
CA LEU C 252 -7.26 -13.91 -12.73
C LEU C 252 -7.60 -15.27 -12.15
N LYS C 253 -8.01 -15.31 -10.89
CA LYS C 253 -8.38 -16.57 -10.20
C LYS C 253 -9.90 -16.78 -10.19
S SO4 D . -24.51 -3.13 -25.35
O1 SO4 D . -24.61 -2.02 -24.42
O2 SO4 D . -24.76 -4.36 -24.60
O3 SO4 D . -25.51 -2.98 -26.39
O4 SO4 D . -23.21 -3.14 -26.00
S SO4 E . -28.50 -9.65 -0.06
O1 SO4 E . -28.01 -11.00 0.22
O2 SO4 E . -28.30 -8.78 1.10
O3 SO4 E . -27.76 -9.10 -1.19
O4 SO4 E . -29.92 -9.69 -0.39
MO MOO F . -30.83 0.54 -11.50
O1 MOO F . -29.26 -0.16 -12.09
O2 MOO F . -30.71 1.92 -10.28
O3 MOO F . -31.94 -0.87 -10.63
O4 MOO F . -31.93 1.31 -12.98
MO MOO G . 30.37 6.94 20.75
O1 MOO G . 29.28 7.36 19.41
O2 MOO G . 29.90 7.77 22.33
O3 MOO G . 32.32 7.23 20.28
O4 MOO G . 30.18 5.03 21.27
S SO4 H . 10.53 4.73 -10.55
O1 SO4 H . 11.64 3.84 -10.29
O2 SO4 H . 10.98 6.11 -10.44
O3 SO4 H . 10.04 4.52 -11.90
O4 SO4 H . 9.44 4.49 -9.61
MO MOO I . 4.89 -7.50 -2.65
O1 MOO I . 3.74 -6.95 -3.96
O2 MOO I . 5.68 -9.17 -3.01
O3 MOO I . 3.94 -7.56 -0.92
O4 MOO I . 6.34 -6.12 -2.37
#